data_5ZM6
#
_entry.id   5ZM6
#
_cell.length_a   188.661
_cell.length_b   188.661
_cell.length_c   64.585
_cell.angle_alpha   90.00
_cell.angle_beta   90.00
_cell.angle_gamma   90.00
#
_symmetry.space_group_name_H-M   'P 43 21 2'
#
loop_
_entity.id
_entity.type
_entity.pdbx_description
1 polymer 'Oxysterol-binding protein-related protein 1'
2 non-polymer '[(2~{S})-1-octadecanoyloxy-3-[oxidanyl-[(1~{R},2~{R},3~{S},4~{S},5~{S},6~{S})-2,3,6-tris(oxidanyl)-4,5-diphosphonooxy-cyclohexyl]oxy-phosphoryl]oxy-propan-2-yl] icosa-5,8,11,14-tetraenoate'
3 non-polymer 'ACETATE ION'
4 water water
#
_entity_poly.entity_id   1
_entity_poly.type   'polypeptide(L)'
_entity_poly.pdbx_seq_one_letter_code
;MDALSNGIKKHRTSLPSPMFSRNDFSIWSILRKCIGMELSKITMPVIFNEPLSFLQRLTEYMEHTYLIHKASSLSDPVER
MQCVAAFAVSAVASQWERTGKPFNPLLGETYELVRDDLGFRLISEQVSHHPPISAFHAEGLNNDFIFHGSIYPKLKFWGK
SVEAEPKGTITLELLEHNEAYTWTNPTCCVHNIIVGKLWIEQYGNVEIINHKTGDKCVLNFKPCGLFGKELHKVEGYIQD
KSKKKLCALYGKWTECLYSVDPATFDAYKKNDKKNTEEKKNSKQMSTSEELDEMPVPDSESVFIIPGSVLLWRIAPRPPN
SAQMYNFTSFAMVLNEVDKDMESVIPKTDCRLRPDIRAMENGEIDQASEEKKRLEEKQRAARKNRSKSEEDWKTRWFHQG
PNPYNGAQDWIYSGSYWDRNYFNLPDIYLEHHHHHH
;
_entity_poly.pdbx_strand_id   A,B
#
# COMPACT_ATOMS: atom_id res chain seq x y z
N HIS A 11 -8.44 -4.11 62.85
CA HIS A 11 -7.57 -3.67 61.78
C HIS A 11 -7.33 -4.84 60.80
N ARG A 12 -7.57 -4.59 59.51
CA ARG A 12 -7.59 -5.66 58.50
C ARG A 12 -6.28 -6.44 58.47
N THR A 13 -6.38 -7.70 58.05
CA THR A 13 -5.23 -8.60 57.92
C THR A 13 -4.79 -8.78 56.47
N SER A 14 -5.42 -8.10 55.52
CA SER A 14 -5.02 -8.28 54.13
C SER A 14 -5.47 -7.08 53.33
N LEU A 15 -4.80 -6.85 52.21
CA LEU A 15 -5.31 -5.87 51.28
C LEU A 15 -6.53 -6.45 50.59
N PRO A 16 -7.44 -5.59 50.09
CA PRO A 16 -8.65 -6.12 49.46
C PRO A 16 -8.39 -7.07 48.30
N SER A 17 -7.19 -7.07 47.73
CA SER A 17 -6.89 -7.91 46.57
C SER A 17 -5.38 -8.18 46.53
N PRO A 18 -4.97 -9.43 46.33
CA PRO A 18 -3.53 -9.72 46.25
C PRO A 18 -2.83 -8.94 45.14
N MET A 19 -1.52 -8.82 45.29
CA MET A 19 -0.72 -8.15 44.28
C MET A 19 -0.73 -8.96 43.00
N PHE A 20 -0.78 -8.27 41.86
CA PHE A 20 -0.88 -8.98 40.61
C PHE A 20 0.51 -9.28 40.08
N SER A 21 0.63 -10.40 39.35
CA SER A 21 1.90 -11.11 39.20
C SER A 21 2.65 -10.65 37.95
N ARG A 22 3.99 -10.67 38.06
CA ARG A 22 4.84 -10.38 36.91
C ARG A 22 5.05 -11.60 36.03
N ASN A 23 5.11 -12.79 36.64
CA ASN A 23 5.35 -14.00 35.85
C ASN A 23 4.21 -14.26 34.87
N ASP A 24 2.97 -13.96 35.28
CA ASP A 24 1.87 -13.98 34.35
C ASP A 24 1.99 -12.79 33.39
N PHE A 25 1.77 -13.03 32.09
CA PHE A 25 2.01 -11.97 31.11
C PHE A 25 0.96 -10.86 31.15
N SER A 26 0.09 -10.82 32.17
CA SER A 26 -0.89 -9.75 32.28
C SER A 26 -0.26 -8.41 32.65
N ILE A 27 1.03 -8.38 32.95
CA ILE A 27 1.68 -7.18 33.47
C ILE A 27 2.19 -6.27 32.35
N TRP A 28 2.68 -6.83 31.24
CA TRP A 28 3.26 -6.02 30.18
C TRP A 28 2.22 -5.38 29.26
N SER A 29 0.96 -5.83 29.29
CA SER A 29 -0.05 -5.14 28.51
C SER A 29 -0.52 -3.85 29.19
N ILE A 30 -0.06 -3.58 30.41
CA ILE A 30 -0.30 -2.30 31.08
C ILE A 30 0.96 -1.47 30.94
N LEU A 31 2.11 -2.13 30.85
CA LEU A 31 3.29 -1.48 30.28
C LEU A 31 3.01 -1.04 28.86
N ARG A 32 2.31 -1.89 28.10
CA ARG A 32 1.87 -1.53 26.75
C ARG A 32 0.95 -0.31 26.79
N LYS A 33 -0.07 -0.34 27.66
CA LYS A 33 -1.06 0.74 27.70
C LYS A 33 -0.42 2.07 28.07
N CYS A 34 0.52 2.07 29.03
CA CYS A 34 1.08 3.33 29.49
C CYS A 34 2.17 3.85 28.57
N ILE A 35 2.92 2.97 27.90
CA ILE A 35 4.00 3.40 27.01
C ILE A 35 3.42 4.11 25.78
N GLY A 36 2.28 3.64 25.28
CA GLY A 36 1.73 4.21 24.08
C GLY A 36 0.96 5.51 24.29
N MET A 37 0.28 5.60 25.44
CA MET A 37 -0.27 6.89 25.86
C MET A 37 0.83 7.95 25.92
N GLU A 38 2.05 7.54 26.21
CA GLU A 38 3.18 8.46 26.16
C GLU A 38 3.72 8.63 24.74
N LEU A 39 3.72 7.55 23.95
CA LEU A 39 4.39 7.58 22.66
C LEU A 39 3.63 8.41 21.64
N SER A 40 2.33 8.15 21.48
CA SER A 40 1.54 8.92 20.52
C SER A 40 1.44 10.40 20.92
N LYS A 41 1.63 10.71 22.21
CA LYS A 41 1.74 12.10 22.64
C LYS A 41 2.82 12.84 21.86
N ILE A 42 3.97 12.18 21.64
CA ILE A 42 5.16 12.88 21.17
C ILE A 42 4.91 13.44 19.77
N THR A 43 5.56 14.57 19.51
CA THR A 43 5.45 15.30 18.25
C THR A 43 6.64 14.95 17.37
N MET A 44 6.41 14.87 16.06
CA MET A 44 7.53 14.74 15.15
C MET A 44 8.33 16.04 15.15
N PRO A 45 9.65 15.97 15.29
CA PRO A 45 10.44 17.20 15.41
C PRO A 45 10.35 18.03 14.13
N VAL A 46 10.16 19.33 14.32
CA VAL A 46 10.10 20.30 13.22
C VAL A 46 11.32 20.13 12.33
N ILE A 47 12.38 19.56 12.89
CA ILE A 47 13.66 19.48 12.19
C ILE A 47 13.63 18.57 10.96
N PHE A 48 12.59 17.77 10.76
CA PHE A 48 12.45 16.98 9.55
C PHE A 48 11.39 17.54 8.61
N ASN A 49 10.74 18.63 9.00
CA ASN A 49 9.73 19.28 8.19
C ASN A 49 10.39 20.30 7.27
N GLU A 50 9.56 21.03 6.53
CA GLU A 50 9.98 22.12 5.68
C GLU A 50 8.89 23.16 5.74
N PRO A 51 9.22 24.45 5.59
CA PRO A 51 8.23 25.49 5.91
C PRO A 51 7.10 25.52 4.90
N LEU A 52 6.33 24.44 4.85
CA LEU A 52 5.20 24.33 3.95
C LEU A 52 4.12 23.48 4.61
N SER A 53 2.90 23.96 4.60
CA SER A 53 1.80 23.08 4.91
C SER A 53 1.54 22.15 3.71
N PHE A 54 1.10 20.93 3.99
CA PHE A 54 0.76 20.07 2.89
C PHE A 54 -0.22 20.76 1.96
N LEU A 55 -1.13 21.57 2.49
CA LEU A 55 -2.05 22.32 1.64
C LEU A 55 -1.30 23.20 0.66
N GLN A 56 -0.15 23.73 1.05
CA GLN A 56 0.70 24.49 0.14
C GLN A 56 1.49 23.58 -0.79
N ARG A 57 2.11 22.51 -0.25
CA ARG A 57 2.78 21.53 -1.09
C ARG A 57 1.84 21.00 -2.16
N LEU A 58 0.54 20.97 -1.87
CA LEU A 58 -0.46 20.50 -2.82
C LEU A 58 -0.59 21.44 -4.02
N THR A 59 -0.47 22.74 -3.76
CA THR A 59 -0.68 23.74 -4.79
C THR A 59 0.41 23.73 -5.87
N GLU A 60 1.55 23.10 -5.60
CA GLU A 60 2.62 23.09 -6.59
C GLU A 60 2.23 22.32 -7.85
N TYR A 61 1.24 21.42 -7.76
CA TYR A 61 0.56 20.93 -8.96
C TYR A 61 0.36 22.04 -9.98
N MET A 62 -0.08 23.20 -9.49
CA MET A 62 -0.52 24.29 -10.35
C MET A 62 0.61 25.03 -11.04
N GLU A 63 1.88 24.78 -10.67
CA GLU A 63 2.99 25.57 -11.20
C GLU A 63 2.95 25.67 -12.73
N HIS A 64 2.61 24.60 -13.41
CA HIS A 64 2.64 24.54 -14.86
C HIS A 64 1.22 24.53 -15.43
N THR A 65 0.38 25.44 -14.92
CA THR A 65 -1.00 25.53 -15.40
C THR A 65 -1.06 25.98 -16.85
N TYR A 66 -0.04 26.68 -17.34
CA TYR A 66 0.05 27.05 -18.76
C TYR A 66 -0.25 25.86 -19.70
N LEU A 67 -0.07 24.62 -19.20
CA LEU A 67 -0.38 23.41 -19.96
C LEU A 67 -1.88 23.15 -20.05
N ILE A 68 -2.61 23.38 -18.95
CA ILE A 68 -4.07 23.35 -19.03
C ILE A 68 -4.56 24.36 -20.06
N HIS A 69 -4.02 25.58 -20.03
CA HIS A 69 -4.43 26.61 -20.99
C HIS A 69 -4.09 26.22 -22.42
N LYS A 70 -2.93 25.59 -22.62
CA LYS A 70 -2.62 24.99 -23.91
C LYS A 70 -3.71 24.01 -24.35
N ALA A 71 -4.08 23.07 -23.45
CA ALA A 71 -5.07 22.05 -23.82
C ALA A 71 -6.45 22.65 -24.05
N SER A 72 -6.84 23.64 -23.24
CA SER A 72 -8.13 24.31 -23.39
C SER A 72 -8.35 24.78 -24.81
N SER A 73 -7.29 25.09 -25.54
CA SER A 73 -7.36 25.72 -26.86
C SER A 73 -6.81 24.82 -27.96
N LEU A 74 -6.95 23.52 -27.80
CA LEU A 74 -6.63 22.56 -28.85
C LEU A 74 -7.88 21.73 -29.12
N SER A 75 -8.16 21.48 -30.40
CA SER A 75 -9.38 20.82 -30.79
C SER A 75 -9.16 19.37 -31.19
N ASP A 76 -7.92 18.93 -31.33
CA ASP A 76 -7.63 17.50 -31.41
C ASP A 76 -7.68 16.91 -30.01
N PRO A 77 -8.57 15.97 -29.72
CA PRO A 77 -8.63 15.44 -28.35
C PRO A 77 -7.32 14.84 -27.86
N VAL A 78 -6.67 14.02 -28.70
CA VAL A 78 -5.41 13.41 -28.31
C VAL A 78 -4.35 14.47 -28.07
N GLU A 79 -4.36 15.55 -28.86
CA GLU A 79 -3.43 16.66 -28.61
C GLU A 79 -3.72 17.32 -27.26
N ARG A 80 -4.99 17.34 -26.83
CA ARG A 80 -5.30 17.77 -25.47
C ARG A 80 -4.75 16.78 -24.46
N MET A 81 -4.90 15.49 -24.75
CA MET A 81 -4.37 14.45 -23.86
C MET A 81 -2.87 14.63 -23.64
N GLN A 82 -2.11 14.87 -24.72
CA GLN A 82 -0.68 15.12 -24.58
C GLN A 82 -0.39 16.29 -23.64
N CYS A 83 -1.31 17.25 -23.50
CA CYS A 83 -1.11 18.36 -22.58
C CYS A 83 -1.54 18.04 -21.16
N VAL A 84 -2.55 17.20 -20.98
CA VAL A 84 -2.94 16.80 -19.63
C VAL A 84 -1.86 15.91 -19.02
N ALA A 85 -1.41 14.91 -19.79
CA ALA A 85 -0.28 14.09 -19.38
C ALA A 85 0.95 14.94 -19.10
N ALA A 86 1.24 15.91 -19.96
CA ALA A 86 2.28 16.88 -19.62
C ALA A 86 2.00 17.52 -18.27
N PHE A 87 0.75 17.90 -18.03
CA PHE A 87 0.41 18.49 -16.74
C PHE A 87 0.52 17.48 -15.60
N ALA A 88 0.11 16.23 -15.85
CA ALA A 88 0.20 15.21 -14.81
C ALA A 88 1.65 14.98 -14.39
N VAL A 89 2.54 14.84 -15.36
CA VAL A 89 3.95 14.63 -15.04
C VAL A 89 4.53 15.88 -14.37
N SER A 90 4.18 17.07 -14.88
CA SER A 90 4.73 18.30 -14.33
C SER A 90 4.22 18.55 -12.93
N ALA A 91 2.99 18.12 -12.63
CA ALA A 91 2.37 18.39 -11.33
C ALA A 91 3.17 17.77 -10.19
N VAL A 92 3.92 16.70 -10.48
CA VAL A 92 4.68 16.01 -9.46
C VAL A 92 6.18 16.22 -9.63
N ALA A 93 6.59 17.16 -10.50
CA ALA A 93 8.00 17.36 -10.80
C ALA A 93 8.75 18.03 -9.65
N SER A 94 8.16 19.04 -9.01
CA SER A 94 8.85 19.75 -7.93
C SER A 94 9.29 18.83 -6.80
N GLN A 95 8.85 17.55 -6.79
CA GLN A 95 9.18 16.63 -5.71
C GLN A 95 10.68 16.35 -5.62
N TRP A 96 11.41 16.36 -6.73
CA TRP A 96 12.82 16.00 -6.69
C TRP A 96 13.59 16.74 -5.59
N GLU A 97 14.29 15.99 -4.75
CA GLU A 97 15.09 16.53 -3.66
C GLU A 97 14.25 17.23 -2.59
N ARG A 98 12.97 16.89 -2.45
CA ARG A 98 12.09 17.49 -1.44
C ARG A 98 11.89 16.51 -0.29
N THR A 99 12.94 16.34 0.49
CA THR A 99 12.93 15.35 1.57
C THR A 99 12.40 15.94 2.88
N GLY A 100 12.19 17.25 2.94
CA GLY A 100 11.44 17.82 4.04
C GLY A 100 9.99 17.38 3.94
N LYS A 101 9.38 17.04 5.07
CA LYS A 101 7.98 16.64 5.05
C LYS A 101 7.07 17.82 5.35
N PRO A 102 6.27 18.26 4.38
CA PRO A 102 5.42 19.41 4.62
C PRO A 102 4.55 19.17 5.85
N PHE A 103 4.27 20.25 6.57
CA PHE A 103 3.48 20.14 7.78
C PHE A 103 2.12 19.48 7.48
N ASN A 104 1.80 18.49 8.27
CA ASN A 104 0.46 17.96 8.26
C ASN A 104 -0.49 19.08 8.63
N PRO A 105 -1.48 19.41 7.82
CA PRO A 105 -2.35 20.55 8.12
C PRO A 105 -3.36 20.21 9.20
N LEU A 106 -3.54 21.15 10.11
CA LEU A 106 -4.55 21.04 11.15
C LEU A 106 -5.95 21.00 10.55
N LEU A 107 -6.81 20.21 11.17
CA LEU A 107 -8.22 20.21 10.81
C LEU A 107 -8.75 21.64 10.84
N GLY A 108 -9.28 22.10 9.71
CA GLY A 108 -9.77 23.46 9.54
C GLY A 108 -8.82 24.36 8.76
N GLU A 109 -7.58 23.95 8.55
CA GLU A 109 -6.63 24.75 7.79
C GLU A 109 -7.15 24.97 6.37
N THR A 110 -6.96 26.18 5.86
CA THR A 110 -7.14 26.43 4.44
C THR A 110 -5.84 26.98 3.86
N TYR A 111 -5.75 26.96 2.53
CA TYR A 111 -4.77 27.72 1.78
C TYR A 111 -5.41 28.14 0.48
N GLU A 112 -5.31 29.42 0.17
CA GLU A 112 -5.74 29.96 -1.11
C GLU A 112 -4.54 30.53 -1.85
N LEU A 113 -4.57 30.39 -3.17
CA LEU A 113 -3.53 30.96 -4.00
C LEU A 113 -4.18 31.51 -5.24
N VAL A 114 -3.93 32.78 -5.52
CA VAL A 114 -4.41 33.43 -6.74
C VAL A 114 -3.19 33.92 -7.52
N ARG A 115 -3.08 33.48 -8.76
CA ARG A 115 -2.08 33.95 -9.69
C ARG A 115 -2.79 34.40 -10.96
N ASP A 116 -2.57 35.64 -11.34
CA ASP A 116 -3.10 36.09 -12.62
C ASP A 116 -2.10 35.84 -13.74
N ASP A 117 -0.80 35.92 -13.44
CA ASP A 117 0.14 35.56 -14.49
C ASP A 117 -0.06 34.12 -14.94
N LEU A 118 -0.71 33.28 -14.16
CA LEU A 118 -0.89 31.88 -14.48
C LEU A 118 -2.33 31.50 -14.81
N GLY A 119 -3.29 32.38 -14.55
CA GLY A 119 -4.62 32.15 -15.03
C GLY A 119 -5.48 31.22 -14.21
N PHE A 120 -5.17 31.07 -12.91
CA PHE A 120 -5.95 30.19 -12.05
C PHE A 120 -6.11 30.82 -10.68
N ARG A 121 -7.09 30.32 -9.93
CA ARG A 121 -7.27 30.63 -8.51
C ARG A 121 -7.65 29.35 -7.78
N LEU A 122 -6.97 29.07 -6.68
CA LEU A 122 -7.12 27.79 -5.99
C LEU A 122 -7.45 28.01 -4.51
N ILE A 123 -8.34 27.16 -3.99
CA ILE A 123 -8.73 27.12 -2.57
C ILE A 123 -8.64 25.69 -2.06
N SER A 124 -7.80 25.46 -1.05
CA SER A 124 -7.70 24.16 -0.40
C SER A 124 -8.12 24.24 1.06
N GLU A 125 -8.64 23.14 1.58
CA GLU A 125 -9.02 23.00 2.97
C GLU A 125 -8.58 21.63 3.49
N GLN A 126 -8.00 21.60 4.70
CA GLN A 126 -7.78 20.32 5.36
C GLN A 126 -9.10 19.87 5.96
N VAL A 127 -9.61 18.77 5.42
CA VAL A 127 -11.02 18.45 5.50
C VAL A 127 -11.30 17.33 6.50
N SER A 128 -10.24 16.71 7.03
CA SER A 128 -10.25 15.69 8.05
C SER A 128 -8.83 15.52 8.56
N HIS A 129 -8.70 15.18 9.85
CA HIS A 129 -7.40 14.98 10.52
C HIS A 129 -7.03 13.51 10.71
N HIS A 130 -8.02 12.63 10.94
CA HIS A 130 -7.82 11.18 10.78
C HIS A 130 -8.96 10.65 9.95
N PRO A 131 -8.70 10.23 8.71
CA PRO A 131 -7.38 10.33 8.09
C PRO A 131 -7.11 11.76 7.66
N PRO A 132 -5.86 12.14 7.50
CA PRO A 132 -5.57 13.51 7.02
C PRO A 132 -5.86 13.65 5.52
N ILE A 133 -7.01 14.26 5.19
CA ILE A 133 -7.44 14.45 3.81
C ILE A 133 -7.44 15.93 3.48
N SER A 134 -6.75 16.29 2.40
CA SER A 134 -6.70 17.65 1.88
C SER A 134 -7.57 17.72 0.63
N ALA A 135 -8.59 18.58 0.65
CA ALA A 135 -9.39 18.82 -0.56
C ALA A 135 -9.00 20.14 -1.20
N PHE A 136 -8.97 20.16 -2.54
CA PHE A 136 -8.58 21.37 -3.26
C PHE A 136 -9.50 21.55 -4.46
N HIS A 137 -9.67 22.80 -4.86
CA HIS A 137 -10.52 23.18 -5.99
C HIS A 137 -9.85 24.38 -6.63
N ALA A 138 -9.48 24.28 -7.91
CA ALA A 138 -8.86 25.37 -8.65
C ALA A 138 -9.67 25.65 -9.90
N GLU A 139 -9.86 26.93 -10.20
CA GLU A 139 -10.59 27.32 -11.39
C GLU A 139 -9.71 28.20 -12.25
N GLY A 140 -9.85 28.04 -13.56
CA GLY A 140 -9.25 29.00 -14.47
C GLY A 140 -9.99 30.32 -14.41
N LEU A 141 -9.25 31.41 -14.57
CA LEU A 141 -9.88 32.71 -14.51
C LEU A 141 -10.59 33.03 -15.83
N ASN A 142 -10.06 32.57 -16.98
CA ASN A 142 -10.77 32.65 -18.26
C ASN A 142 -11.93 31.69 -18.34
N ASN A 143 -12.33 31.09 -17.20
CA ASN A 143 -13.48 30.20 -17.12
C ASN A 143 -13.28 28.97 -18.01
N ASP A 144 -12.05 28.45 -18.03
CA ASP A 144 -11.67 27.43 -18.99
C ASP A 144 -11.29 26.09 -18.37
N PHE A 145 -11.18 26.00 -17.05
CA PHE A 145 -11.00 24.70 -16.44
C PHE A 145 -11.37 24.75 -14.96
N ILE A 146 -11.57 23.56 -14.42
CA ILE A 146 -11.67 23.33 -12.98
C ILE A 146 -10.72 22.17 -12.69
N PHE A 147 -9.75 22.41 -11.80
CA PHE A 147 -8.84 21.39 -11.29
C PHE A 147 -9.18 21.21 -9.82
N HIS A 148 -9.61 20.01 -9.45
CA HIS A 148 -10.16 19.78 -8.13
C HIS A 148 -9.95 18.33 -7.77
N GLY A 149 -9.90 18.06 -6.47
CA GLY A 149 -9.75 16.70 -5.99
C GLY A 149 -9.37 16.73 -4.52
N SER A 150 -8.85 15.59 -4.06
CA SER A 150 -8.45 15.45 -2.67
C SER A 150 -7.19 14.58 -2.60
N ILE A 151 -6.38 14.81 -1.56
CA ILE A 151 -5.16 14.05 -1.35
C ILE A 151 -5.18 13.55 0.08
N TYR A 152 -5.14 12.23 0.26
CA TYR A 152 -4.81 11.62 1.54
C TYR A 152 -3.44 10.96 1.45
N PRO A 153 -2.38 11.58 1.96
CA PRO A 153 -1.04 10.96 1.93
C PRO A 153 -0.89 9.78 2.87
N LYS A 154 -1.07 8.56 2.40
CA LYS A 154 -0.88 7.39 3.24
C LYS A 154 0.62 7.12 3.37
N LEU A 155 1.17 7.42 4.55
CA LEU A 155 2.60 7.20 4.82
C LEU A 155 2.84 5.77 5.25
N LYS A 156 3.90 5.14 4.70
CA LYS A 156 4.25 3.77 5.04
C LYS A 156 5.76 3.64 5.20
N PHE A 157 6.20 3.18 6.36
N PHE A 157 6.21 3.22 6.37
CA PHE A 157 7.62 3.01 6.66
CA PHE A 157 7.63 3.02 6.62
C PHE A 157 8.02 1.54 6.55
C PHE A 157 7.99 1.54 6.51
N TRP A 158 9.23 1.29 6.07
CA TRP A 158 9.86 -0.03 6.16
C TRP A 158 11.32 0.12 5.72
N GLY A 159 12.19 -0.69 6.33
CA GLY A 159 13.60 -0.62 5.99
C GLY A 159 14.14 0.78 6.26
N LYS A 160 14.73 1.39 5.25
CA LYS A 160 15.15 2.78 5.34
C LYS A 160 14.17 3.74 4.66
N SER A 161 13.06 3.24 4.13
CA SER A 161 12.27 4.01 3.18
C SER A 161 10.96 4.42 3.79
N VAL A 162 10.50 5.61 3.44
CA VAL A 162 9.14 6.04 3.74
C VAL A 162 8.42 6.24 2.42
N GLU A 163 7.24 5.66 2.30
CA GLU A 163 6.34 5.88 1.17
C GLU A 163 5.23 6.83 1.60
N ALA A 164 4.83 7.69 0.68
CA ALA A 164 3.59 8.43 0.82
C ALA A 164 2.77 8.17 -0.42
N GLU A 165 1.75 7.32 -0.30
CA GLU A 165 0.80 7.09 -1.37
C GLU A 165 -0.26 8.18 -1.28
N PRO A 166 -0.35 9.10 -2.24
CA PRO A 166 -1.46 10.06 -2.26
C PRO A 166 -2.78 9.45 -2.73
N LYS A 167 -3.56 8.90 -1.80
CA LYS A 167 -4.88 8.39 -2.14
C LYS A 167 -5.81 9.53 -2.58
N GLY A 168 -6.43 9.38 -3.72
CA GLY A 168 -7.37 10.38 -4.16
C GLY A 168 -7.50 10.44 -5.67
N THR A 169 -8.68 10.87 -6.10
CA THR A 169 -8.93 11.16 -7.51
C THR A 169 -8.73 12.66 -7.75
N ILE A 170 -8.00 12.98 -8.80
CA ILE A 170 -7.75 14.34 -9.26
C ILE A 170 -8.50 14.53 -10.57
N THR A 171 -9.16 15.67 -10.75
CA THR A 171 -10.15 15.87 -11.81
C THR A 171 -9.90 17.17 -12.52
N LEU A 172 -9.52 17.09 -13.79
CA LEU A 172 -9.43 18.25 -14.68
C LEU A 172 -10.65 18.22 -15.57
N GLU A 173 -11.49 19.22 -15.44
CA GLU A 173 -12.61 19.44 -16.35
C GLU A 173 -12.23 20.61 -17.23
N LEU A 174 -12.12 20.37 -18.53
CA LEU A 174 -11.87 21.41 -19.53
C LEU A 174 -13.21 21.95 -19.98
N LEU A 175 -13.62 23.05 -19.36
CA LEU A 175 -15.00 23.53 -19.52
C LEU A 175 -15.35 23.86 -20.97
N GLU A 176 -14.41 24.39 -21.76
CA GLU A 176 -14.69 24.72 -23.15
C GLU A 176 -14.82 23.49 -24.03
N HIS A 177 -14.41 22.31 -23.55
CA HIS A 177 -14.55 21.07 -24.32
C HIS A 177 -15.54 20.10 -23.68
N ASN A 178 -16.21 20.50 -22.61
CA ASN A 178 -17.19 19.67 -21.94
C ASN A 178 -16.62 18.32 -21.56
N GLU A 179 -15.34 18.26 -21.27
CA GLU A 179 -14.68 16.99 -21.04
C GLU A 179 -13.85 17.08 -19.77
N ALA A 180 -13.56 15.92 -19.22
CA ALA A 180 -13.01 15.81 -17.88
C ALA A 180 -12.04 14.66 -17.85
N TYR A 181 -10.89 14.88 -17.23
CA TYR A 181 -9.87 13.87 -17.02
C TYR A 181 -9.82 13.51 -15.55
N THR A 182 -9.58 12.24 -15.24
CA THR A 182 -9.32 11.84 -13.87
C THR A 182 -8.04 11.02 -13.84
N TRP A 183 -7.21 11.26 -12.82
CA TRP A 183 -6.09 10.37 -12.60
C TRP A 183 -5.76 10.28 -11.12
N THR A 184 -4.77 9.46 -10.79
CA THR A 184 -4.35 9.28 -9.41
C THR A 184 -2.84 9.36 -9.42
N ASN A 185 -2.24 10.08 -8.47
CA ASN A 185 -0.83 10.37 -8.65
C ASN A 185 0.03 9.18 -8.24
N PRO A 186 1.30 9.20 -8.62
CA PRO A 186 2.22 8.15 -8.20
C PRO A 186 2.63 8.30 -6.75
N THR A 187 3.29 7.26 -6.25
CA THR A 187 3.76 7.21 -4.88
C THR A 187 5.13 7.87 -4.81
N CYS A 188 5.45 8.42 -3.65
CA CYS A 188 6.70 9.13 -3.46
C CYS A 188 7.50 8.44 -2.36
N CYS A 189 8.57 7.77 -2.73
CA CYS A 189 9.46 7.13 -1.77
C CYS A 189 10.54 8.09 -1.31
N VAL A 190 10.91 7.99 -0.04
CA VAL A 190 12.06 8.71 0.49
C VAL A 190 13.04 7.67 1.00
N HIS A 191 14.17 7.54 0.35
CA HIS A 191 15.06 6.47 0.73
C HIS A 191 16.08 6.92 1.79
N ASN A 192 16.56 5.95 2.56
CA ASN A 192 17.64 6.15 3.53
C ASN A 192 17.28 7.19 4.59
N ILE A 193 16.09 7.03 5.18
CA ILE A 193 15.75 7.82 6.35
C ILE A 193 16.66 7.40 7.51
N ILE A 194 17.03 8.38 8.33
CA ILE A 194 17.95 8.22 9.47
C ILE A 194 19.34 7.79 9.00
N VAL A 195 19.45 6.68 8.29
CA VAL A 195 20.74 6.07 7.96
C VAL A 195 21.04 6.31 6.49
N GLY A 196 21.88 7.31 6.20
CA GLY A 196 22.28 7.64 4.84
C GLY A 196 21.73 9.00 4.41
N LYS A 197 22.02 9.34 3.17
CA LYS A 197 21.51 10.58 2.56
C LYS A 197 20.13 10.32 1.96
N LEU A 198 19.18 11.19 2.30
CA LEU A 198 17.83 11.07 1.75
C LEU A 198 17.83 11.32 0.24
N TRP A 199 17.04 10.51 -0.48
CA TRP A 199 16.73 10.84 -1.87
C TRP A 199 15.30 10.45 -2.21
N ILE A 200 14.70 11.14 -3.17
CA ILE A 200 13.28 11.02 -3.51
C ILE A 200 13.09 10.22 -4.79
N GLU A 201 12.13 9.32 -4.77
CA GLU A 201 11.76 8.55 -5.95
C GLU A 201 10.25 8.60 -6.10
N GLN A 202 9.79 8.75 -7.34
CA GLN A 202 8.37 8.62 -7.61
C GLN A 202 8.12 7.49 -8.60
N TYR A 203 7.10 6.69 -8.33
CA TYR A 203 6.77 5.55 -9.16
C TYR A 203 5.30 5.19 -8.95
N GLY A 204 4.78 4.39 -9.87
CA GLY A 204 3.39 3.97 -9.84
C GLY A 204 2.77 4.25 -11.18
N ASN A 205 1.81 3.41 -11.56
CA ASN A 205 1.14 3.59 -12.83
C ASN A 205 0.02 4.61 -12.69
N VAL A 206 0.05 5.64 -13.52
CA VAL A 206 -0.98 6.65 -13.54
C VAL A 206 -1.78 6.45 -14.82
N GLU A 207 -3.09 6.23 -14.67
CA GLU A 207 -4.02 6.23 -15.79
C GLU A 207 -4.75 7.57 -15.81
N ILE A 208 -4.72 8.26 -16.96
CA ILE A 208 -5.54 9.45 -17.20
C ILE A 208 -6.62 9.08 -18.20
N ILE A 209 -7.87 9.36 -17.88
CA ILE A 209 -9.00 8.99 -18.73
C ILE A 209 -9.72 10.26 -19.17
N ASN A 210 -9.92 10.40 -20.48
CA ASN A 210 -10.82 11.41 -21.00
C ASN A 210 -12.21 10.78 -21.03
N HIS A 211 -13.04 11.17 -20.08
CA HIS A 211 -14.34 10.54 -19.94
C HIS A 211 -15.27 10.87 -21.08
N LYS A 212 -15.01 11.93 -21.83
CA LYS A 212 -15.86 12.18 -22.99
C LYS A 212 -15.46 11.24 -24.13
N THR A 213 -14.19 11.28 -24.53
CA THR A 213 -13.73 10.61 -25.73
C THR A 213 -13.34 9.15 -25.49
N GLY A 214 -13.21 8.72 -24.25
CA GLY A 214 -12.68 7.39 -23.99
C GLY A 214 -11.18 7.25 -24.19
N ASP A 215 -10.45 8.36 -24.21
CA ASP A 215 -9.01 8.30 -24.42
C ASP A 215 -8.30 8.03 -23.10
N LYS A 216 -7.34 7.13 -23.15
CA LYS A 216 -6.63 6.69 -21.97
C LYS A 216 -5.15 7.05 -22.15
N CYS A 217 -4.59 7.70 -21.15
CA CYS A 217 -3.15 7.89 -21.04
C CYS A 217 -2.64 6.95 -19.98
N VAL A 218 -1.61 6.18 -20.31
CA VAL A 218 -0.90 5.36 -19.35
C VAL A 218 0.46 5.99 -19.13
N LEU A 219 0.76 6.32 -17.88
CA LEU A 219 2.08 6.81 -17.51
C LEU A 219 2.63 5.85 -16.46
N ASN A 220 3.65 5.09 -16.83
CA ASN A 220 4.34 4.27 -15.84
C ASN A 220 5.52 5.09 -15.32
N PHE A 221 5.44 5.55 -14.08
CA PHE A 221 6.63 6.12 -13.44
C PHE A 221 7.50 4.95 -13.01
N LYS A 222 8.58 4.71 -13.74
CA LYS A 222 9.38 3.53 -13.48
C LYS A 222 10.15 3.68 -12.15
N PRO A 223 10.30 2.59 -11.41
CA PRO A 223 11.11 2.64 -10.20
C PRO A 223 12.59 2.51 -10.51
N CYS A 224 13.40 2.78 -9.49
CA CYS A 224 14.86 2.76 -9.61
C CYS A 224 15.40 1.47 -10.23
N GLY A 225 14.97 0.31 -9.71
CA GLY A 225 15.53 -0.94 -10.16
C GLY A 225 16.98 -1.09 -9.72
N LEU A 226 17.59 -2.20 -10.15
CA LEU A 226 18.95 -2.48 -9.74
C LEU A 226 19.95 -1.60 -10.50
N PHE A 227 20.90 -1.05 -9.75
CA PHE A 227 21.98 -0.18 -10.18
C PHE A 227 21.47 1.24 -10.41
N GLY A 228 20.18 1.51 -10.17
CA GLY A 228 19.64 2.85 -10.28
C GLY A 228 19.41 3.35 -11.69
N LYS A 229 19.14 2.43 -12.63
CA LYS A 229 19.22 2.75 -14.05
C LYS A 229 17.97 3.47 -14.57
N GLU A 230 16.79 3.08 -14.10
CA GLU A 230 15.55 3.70 -14.55
C GLU A 230 15.09 4.83 -13.64
N LEU A 231 16.02 5.46 -12.90
CA LEU A 231 15.59 6.47 -11.94
C LEU A 231 14.91 7.63 -12.66
N HIS A 232 13.71 7.96 -12.20
CA HIS A 232 12.85 9.07 -12.63
C HIS A 232 12.27 8.88 -14.01
N LYS A 233 12.59 7.79 -14.72
CA LYS A 233 12.05 7.59 -16.06
C LYS A 233 10.54 7.46 -16.05
N VAL A 234 9.90 8.07 -17.03
CA VAL A 234 8.46 8.00 -17.18
C VAL A 234 8.19 7.53 -18.60
N GLU A 235 7.48 6.43 -18.73
CA GLU A 235 7.19 5.86 -20.04
C GLU A 235 5.73 5.47 -20.12
N GLY A 236 5.09 5.83 -21.22
CA GLY A 236 3.70 5.47 -21.43
C GLY A 236 3.23 5.85 -22.79
N TYR A 237 1.92 5.69 -23.01
CA TYR A 237 1.29 5.94 -24.30
C TYR A 237 -0.04 6.66 -24.09
N ILE A 238 -0.60 7.12 -25.21
CA ILE A 238 -1.99 7.58 -25.27
C ILE A 238 -2.69 6.67 -26.24
N GLN A 239 -3.86 6.17 -25.87
CA GLN A 239 -4.63 5.27 -26.73
C GLN A 239 -6.07 5.72 -26.79
N ASP A 240 -6.74 5.37 -27.89
CA ASP A 240 -8.12 5.78 -28.11
C ASP A 240 -9.05 4.78 -27.42
N LYS A 241 -10.37 4.93 -27.62
CA LYS A 241 -11.32 4.11 -26.88
C LYS A 241 -11.19 2.64 -27.23
N SER A 242 -10.64 2.32 -28.39
CA SER A 242 -10.48 0.93 -28.82
C SER A 242 -9.05 0.44 -28.60
N LYS A 243 -8.27 1.12 -27.76
CA LYS A 243 -7.01 0.61 -27.22
C LYS A 243 -5.87 0.59 -28.26
N LYS A 244 -5.87 1.53 -29.19
CA LYS A 244 -4.79 1.72 -30.16
C LYS A 244 -3.88 2.86 -29.75
N LYS A 245 -2.58 2.59 -29.66
CA LYS A 245 -1.61 3.61 -29.25
C LYS A 245 -1.44 4.67 -30.34
N LEU A 246 -1.66 5.92 -29.98
CA LEU A 246 -1.45 7.05 -30.88
C LEU A 246 -0.17 7.81 -30.58
N CYS A 247 0.27 7.80 -29.33
CA CYS A 247 1.50 8.45 -28.93
C CYS A 247 2.25 7.51 -28.00
N ALA A 248 3.55 7.51 -28.09
CA ALA A 248 4.35 7.11 -26.96
C ALA A 248 4.74 8.37 -26.22
N LEU A 249 4.86 8.27 -24.92
CA LEU A 249 5.40 9.36 -24.12
C LEU A 249 6.57 8.83 -23.33
N TYR A 250 7.58 9.67 -23.11
CA TYR A 250 8.69 9.18 -22.32
C TYR A 250 9.47 10.35 -21.74
N GLY A 251 10.41 10.02 -20.86
CA GLY A 251 11.33 10.99 -20.33
C GLY A 251 11.60 10.74 -18.87
N LYS A 252 11.94 11.80 -18.16
CA LYS A 252 12.07 11.79 -16.71
C LYS A 252 11.10 12.80 -16.13
N TRP A 253 10.45 12.46 -15.02
CA TRP A 253 9.51 13.41 -14.44
C TRP A 253 10.21 14.57 -13.74
N THR A 254 11.53 14.59 -13.69
CA THR A 254 12.26 15.69 -13.08
C THR A 254 12.58 16.77 -14.08
N GLU A 255 12.32 16.53 -15.37
CA GLU A 255 13.01 17.35 -16.36
C GLU A 255 12.23 17.58 -17.64
N CYS A 256 11.64 16.53 -18.19
CA CYS A 256 11.04 16.63 -19.52
C CYS A 256 10.09 15.48 -19.77
N LEU A 257 9.17 15.73 -20.72
CA LEU A 257 8.29 14.71 -21.28
C LEU A 257 8.34 14.85 -22.78
N TYR A 258 8.67 13.77 -23.48
CA TYR A 258 8.63 13.78 -24.93
C TYR A 258 7.41 13.01 -25.44
N SER A 259 7.11 13.18 -26.71
CA SER A 259 6.09 12.38 -27.34
C SER A 259 6.62 11.89 -28.68
N VAL A 260 6.16 10.72 -29.11
CA VAL A 260 6.69 10.14 -30.34
C VAL A 260 5.76 9.04 -30.84
N ASP A 261 5.77 8.85 -32.16
CA ASP A 261 5.14 7.74 -32.84
C ASP A 261 5.26 6.49 -32.00
N PRO A 262 4.14 5.80 -31.72
CA PRO A 262 4.23 4.58 -30.88
C PRO A 262 5.07 3.48 -31.51
N ALA A 263 4.92 3.27 -32.82
CA ALA A 263 5.59 2.16 -33.48
C ALA A 263 7.11 2.27 -33.39
N THR A 264 7.62 3.50 -33.50
CA THR A 264 9.06 3.72 -33.35
C THR A 264 9.52 3.56 -31.90
N PHE A 265 8.64 3.82 -30.92
CA PHE A 265 9.04 3.62 -29.53
C PHE A 265 9.26 2.15 -29.24
N ASP A 266 8.33 1.29 -29.69
CA ASP A 266 8.55 -0.14 -29.56
C ASP A 266 9.87 -0.57 -30.18
N ALA A 267 10.22 0.02 -31.32
CA ALA A 267 11.50 -0.29 -31.97
C ALA A 267 12.70 0.01 -31.08
N TYR A 268 12.56 0.88 -30.09
CA TYR A 268 13.71 1.28 -29.29
C TYR A 268 13.76 0.60 -27.92
N LYS A 269 12.67 -0.02 -27.47
CA LYS A 269 12.73 -0.91 -26.32
C LYS A 269 13.49 -2.18 -26.68
N VAL A 296 22.82 7.05 -2.89
CA VAL A 296 22.01 7.99 -3.69
C VAL A 296 22.37 7.87 -5.16
N PRO A 297 21.40 7.45 -5.99
CA PRO A 297 21.71 7.14 -7.39
C PRO A 297 21.55 8.37 -8.29
N ASP A 298 22.22 8.36 -9.43
CA ASP A 298 22.09 9.44 -10.39
C ASP A 298 21.22 8.98 -11.56
N SER A 299 20.53 9.95 -12.16
CA SER A 299 19.62 9.64 -13.25
C SER A 299 20.40 9.43 -14.55
N GLU A 300 19.74 8.81 -15.52
CA GLU A 300 20.31 8.62 -16.83
C GLU A 300 19.80 9.69 -17.78
N SER A 301 20.61 10.01 -18.77
CA SER A 301 20.23 10.96 -19.80
C SER A 301 19.03 10.43 -20.58
N VAL A 302 18.19 11.34 -21.04
CA VAL A 302 17.07 10.98 -21.91
C VAL A 302 17.59 10.88 -23.33
N PHE A 303 17.48 9.68 -23.91
CA PHE A 303 17.80 9.40 -25.30
C PHE A 303 16.64 9.86 -26.18
N ILE A 304 16.90 10.81 -27.08
CA ILE A 304 15.84 11.55 -27.76
C ILE A 304 15.46 10.82 -29.05
N ILE A 305 14.40 10.03 -28.99
CA ILE A 305 14.05 9.12 -30.09
C ILE A 305 13.71 9.95 -31.34
N PRO A 306 14.33 9.66 -32.48
CA PRO A 306 14.09 10.49 -33.67
C PRO A 306 12.61 10.59 -33.98
N GLY A 307 12.18 11.83 -34.26
CA GLY A 307 10.78 12.15 -34.42
C GLY A 307 10.09 12.54 -33.14
N SER A 308 10.81 12.62 -32.04
CA SER A 308 10.16 13.06 -30.82
C SER A 308 9.79 14.54 -30.92
N VAL A 309 8.82 14.93 -30.12
CA VAL A 309 8.37 16.31 -29.99
C VAL A 309 8.33 16.58 -28.49
N LEU A 310 9.09 17.56 -28.04
CA LEU A 310 9.08 17.90 -26.63
C LEU A 310 7.69 18.42 -26.26
N LEU A 311 7.07 17.84 -25.23
CA LEU A 311 5.80 18.37 -24.71
C LEU A 311 6.03 19.32 -23.54
N TRP A 312 6.92 18.95 -22.63
CA TRP A 312 7.13 19.73 -21.43
C TRP A 312 8.59 19.65 -21.02
N ARG A 313 9.11 20.78 -20.56
CA ARG A 313 10.43 20.84 -19.97
C ARG A 313 10.30 21.59 -18.65
N ILE A 314 10.99 21.10 -17.62
CA ILE A 314 11.00 21.77 -16.33
C ILE A 314 11.77 23.07 -16.43
N ALA A 315 11.34 24.06 -15.66
CA ALA A 315 12.13 25.27 -15.44
C ALA A 315 13.12 24.99 -14.30
N PRO A 316 14.43 25.16 -14.52
CA PRO A 316 15.40 24.78 -13.48
C PRO A 316 15.23 25.62 -12.22
N ARG A 317 15.50 24.96 -11.09
CA ARG A 317 15.46 25.63 -9.80
C ARG A 317 16.48 26.76 -9.75
N PRO A 318 16.22 27.79 -8.95
CA PRO A 318 17.19 28.86 -8.76
C PRO A 318 18.42 28.39 -8.00
N PRO A 319 19.52 29.15 -8.03
CA PRO A 319 20.68 28.78 -7.20
C PRO A 319 20.42 28.86 -5.71
N ASN A 320 19.37 29.58 -5.29
CA ASN A 320 18.85 29.51 -3.92
C ASN A 320 18.47 28.09 -3.49
N SER A 321 18.17 27.22 -4.45
CA SER A 321 17.38 26.02 -4.22
C SER A 321 17.92 25.16 -3.08
N ALA A 322 19.13 24.58 -3.24
CA ALA A 322 19.63 23.62 -2.25
C ALA A 322 19.76 24.25 -0.88
N GLN A 323 19.95 25.57 -0.81
CA GLN A 323 19.91 26.24 0.48
C GLN A 323 18.49 26.52 0.96
N MET A 324 17.51 26.63 0.04
CA MET A 324 16.13 27.00 0.40
C MET A 324 15.22 25.78 0.47
N TYR A 325 15.61 24.78 1.27
CA TYR A 325 14.83 23.55 1.41
C TYR A 325 14.51 22.94 0.05
N ASN A 326 15.33 23.22 -0.95
CA ASN A 326 15.16 22.70 -2.31
C ASN A 326 13.83 23.10 -2.91
N PHE A 327 13.35 24.30 -2.61
CA PHE A 327 12.16 24.83 -3.28
C PHE A 327 12.49 25.24 -4.71
N THR A 328 11.51 25.08 -5.59
CA THR A 328 11.42 25.81 -6.84
C THR A 328 10.87 27.22 -6.55
N SER A 329 11.20 28.17 -7.43
CA SER A 329 10.69 29.54 -7.30
C SER A 329 9.20 29.57 -6.97
N PHE A 330 8.41 28.74 -7.66
CA PHE A 330 6.99 28.71 -7.34
C PHE A 330 6.77 28.38 -5.87
N ALA A 331 7.43 27.33 -5.37
CA ALA A 331 7.26 26.91 -3.99
C ALA A 331 7.64 28.00 -2.99
N MET A 332 8.59 28.87 -3.34
CA MET A 332 9.02 29.92 -2.44
C MET A 332 8.01 31.06 -2.30
N VAL A 333 6.98 31.08 -3.13
CA VAL A 333 5.96 32.13 -3.11
C VAL A 333 4.83 31.79 -2.13
N LEU A 334 4.63 30.51 -1.83
CA LEU A 334 3.36 30.03 -1.28
C LEU A 334 3.07 30.59 0.10
N ASN A 335 4.07 30.63 0.98
CA ASN A 335 3.81 31.14 2.32
C ASN A 335 4.04 32.64 2.43
N GLU A 336 4.37 33.30 1.32
CA GLU A 336 4.60 34.74 1.34
C GLU A 336 3.33 35.46 1.76
N VAL A 337 3.48 36.56 2.51
CA VAL A 337 2.34 37.32 2.99
C VAL A 337 2.63 38.81 2.86
N ASP A 338 1.57 39.54 2.54
CA ASP A 338 1.48 40.98 2.77
C ASP A 338 0.28 41.23 3.68
N LYS A 339 0.29 42.39 4.35
CA LYS A 339 -0.91 42.81 5.07
C LYS A 339 -2.10 43.00 4.13
N ASP A 340 -1.85 43.11 2.82
CA ASP A 340 -2.93 43.17 1.84
C ASP A 340 -3.63 41.82 1.69
N MET A 341 -2.91 40.72 1.96
CA MET A 341 -3.54 39.41 2.02
C MET A 341 -4.26 39.21 3.35
N GLU A 342 -3.58 39.52 4.47
CA GLU A 342 -4.08 39.14 5.80
C GLU A 342 -5.46 39.71 6.09
N SER A 343 -5.84 40.80 5.43
CA SER A 343 -7.21 41.28 5.55
C SER A 343 -8.16 40.47 4.66
N VAL A 344 -7.76 40.20 3.42
CA VAL A 344 -8.66 39.53 2.47
C VAL A 344 -8.78 38.05 2.79
N ILE A 345 -7.66 37.34 2.92
CA ILE A 345 -7.70 35.90 3.18
C ILE A 345 -8.40 35.65 4.51
N PRO A 346 -8.98 34.47 4.72
CA PRO A 346 -9.58 34.16 6.01
C PRO A 346 -8.51 33.94 7.06
N LYS A 347 -8.94 33.87 8.31
CA LYS A 347 -7.98 33.69 9.39
C LYS A 347 -7.41 32.27 9.43
N THR A 348 -8.12 31.30 8.86
CA THR A 348 -7.65 29.92 8.85
C THR A 348 -6.47 29.70 7.91
N ASP A 349 -6.24 30.58 6.95
CA ASP A 349 -5.20 30.39 5.95
C ASP A 349 -3.86 30.07 6.61
N CYS A 350 -3.17 29.07 6.07
CA CYS A 350 -1.92 28.65 6.72
C CYS A 350 -0.79 29.66 6.57
N ARG A 351 -0.92 30.66 5.69
CA ARG A 351 -0.01 31.80 5.76
C ARG A 351 -0.04 32.44 7.14
N LEU A 352 -1.13 32.25 7.88
CA LEU A 352 -1.26 32.69 9.26
C LEU A 352 -0.93 31.58 10.25
N ARG A 353 -0.31 30.48 9.80
CA ARG A 353 0.06 29.41 10.72
C ARG A 353 1.37 29.75 11.44
N PRO A 354 1.41 29.79 12.78
CA PRO A 354 2.61 30.27 13.48
C PRO A 354 3.82 29.35 13.41
N ASP A 355 3.66 28.02 13.55
CA ASP A 355 4.86 27.18 13.58
C ASP A 355 5.55 27.18 12.23
N ILE A 356 4.77 27.17 11.15
CA ILE A 356 5.32 27.25 9.80
C ILE A 356 5.99 28.60 9.59
N ARG A 357 5.48 29.64 10.24
CA ARG A 357 6.14 30.95 10.18
C ARG A 357 7.44 30.93 10.95
N ALA A 358 7.39 30.48 12.21
CA ALA A 358 8.60 30.35 13.02
C ALA A 358 9.70 29.64 12.26
N MET A 359 9.41 28.46 11.72
CA MET A 359 10.42 27.68 11.01
C MET A 359 11.02 28.48 9.85
N GLU A 360 10.16 29.15 9.06
CA GLU A 360 10.62 29.90 7.89
C GLU A 360 11.50 31.08 8.29
N ASN A 361 11.17 31.75 9.39
CA ASN A 361 11.98 32.84 9.94
C ASN A 361 13.28 32.36 10.60
N GLY A 362 13.66 31.10 10.41
CA GLY A 362 14.83 30.54 11.03
C GLY A 362 14.67 30.16 12.48
N GLU A 363 13.72 30.75 13.19
CA GLU A 363 13.50 30.42 14.58
C GLU A 363 12.94 29.00 14.70
N ILE A 364 13.80 28.02 14.38
CA ILE A 364 13.40 26.62 14.47
C ILE A 364 13.24 26.18 15.92
N ASP A 365 13.99 26.82 16.82
CA ASP A 365 13.87 26.57 18.25
C ASP A 365 12.44 26.82 18.72
N GLN A 366 11.84 27.94 18.29
CA GLN A 366 10.45 28.27 18.57
C GLN A 366 9.46 27.38 17.82
N ALA A 367 9.81 26.97 16.59
CA ALA A 367 8.85 26.30 15.71
C ALA A 367 8.38 24.97 16.29
N SER A 368 9.27 24.23 16.97
CA SER A 368 8.84 23.00 17.65
C SER A 368 8.02 23.29 18.90
N GLU A 369 8.09 24.52 19.43
CA GLU A 369 7.22 24.90 20.55
C GLU A 369 5.86 25.36 20.04
N GLU A 370 5.86 26.11 18.93
CA GLU A 370 4.63 26.42 18.21
C GLU A 370 3.96 25.16 17.67
N LYS A 371 4.75 24.22 17.16
CA LYS A 371 4.18 22.95 16.75
C LYS A 371 3.56 22.23 17.92
N LYS A 372 4.35 22.01 18.98
CA LYS A 372 3.83 21.45 20.22
C LYS A 372 2.51 22.09 20.62
N ARG A 373 2.46 23.42 20.62
CA ARG A 373 1.25 24.14 21.04
C ARG A 373 0.05 23.82 20.14
N LEU A 374 0.24 23.76 18.82
CA LEU A 374 -0.90 23.67 17.93
C LEU A 374 -1.52 22.27 17.91
N GLU A 375 -0.69 21.27 18.03
CA GLU A 375 -1.11 19.89 18.03
C GLU A 375 -1.89 19.51 19.29
N GLU A 376 -1.76 20.28 20.35
CA GLU A 376 -2.53 20.10 21.56
C GLU A 376 -3.78 20.95 21.58
N LYS A 377 -3.74 22.16 21.03
CA LYS A 377 -4.98 22.91 20.85
C LYS A 377 -5.98 22.11 20.01
N GLN A 378 -5.48 21.36 19.03
CA GLN A 378 -6.34 20.60 18.14
C GLN A 378 -6.91 19.36 18.82
N ARG A 379 -6.09 18.64 19.59
CA ARG A 379 -6.61 17.56 20.43
C ARG A 379 -7.71 18.10 21.33
N ALA A 380 -7.42 19.21 22.01
CA ALA A 380 -8.35 19.75 23.00
C ALA A 380 -9.66 20.16 22.33
N ALA A 381 -9.60 20.61 21.08
CA ALA A 381 -10.83 21.01 20.40
C ALA A 381 -11.69 19.80 20.05
N ARG A 382 -11.07 18.69 19.78
CA ARG A 382 -11.81 17.55 19.31
C ARG A 382 -12.34 16.69 20.40
N LYS A 383 -11.57 16.54 21.45
CA LYS A 383 -12.14 15.94 22.65
C LYS A 383 -13.27 16.80 23.20
N ASN A 384 -13.06 18.12 23.23
CA ASN A 384 -14.13 19.02 23.65
C ASN A 384 -15.39 18.79 22.85
N ARG A 385 -15.24 18.56 21.54
CA ARG A 385 -16.39 18.28 20.69
C ARG A 385 -16.95 16.88 20.91
N SER A 386 -16.28 16.05 21.70
CA SER A 386 -16.85 14.75 22.04
C SER A 386 -17.66 14.79 23.33
N LYS A 387 -17.15 15.47 24.38
CA LYS A 387 -17.97 15.77 25.54
C LYS A 387 -19.26 16.49 25.16
N SER A 388 -19.22 17.20 24.04
CA SER A 388 -20.40 17.92 23.54
C SER A 388 -21.10 17.14 22.44
N GLU A 389 -20.38 16.15 21.90
CA GLU A 389 -20.93 15.27 20.87
C GLU A 389 -21.41 16.00 19.62
N GLU A 390 -20.68 17.05 19.23
CA GLU A 390 -20.99 17.78 18.00
C GLU A 390 -20.08 17.34 16.85
N ASP A 391 -20.66 17.17 15.68
CA ASP A 391 -19.88 16.80 14.51
C ASP A 391 -19.23 18.02 13.89
N TRP A 392 -18.01 17.83 13.39
CA TRP A 392 -17.25 18.90 12.77
C TRP A 392 -17.75 19.21 11.36
N LYS A 393 -17.71 20.51 11.01
CA LYS A 393 -18.30 21.01 9.77
C LYS A 393 -17.21 21.59 8.87
N THR A 394 -17.02 20.98 7.70
CA THR A 394 -16.09 21.55 6.72
C THR A 394 -16.75 22.76 6.06
N ARG A 395 -16.01 23.85 5.98
CA ARG A 395 -16.60 25.11 5.57
C ARG A 395 -16.74 25.24 4.08
N TRP A 396 -15.80 24.68 3.30
CA TRP A 396 -15.69 24.95 1.88
C TRP A 396 -15.83 23.70 1.02
N PHE A 397 -15.97 22.53 1.63
CA PHE A 397 -16.04 21.28 0.89
C PHE A 397 -17.04 20.36 1.56
N HIS A 398 -17.67 19.52 0.75
CA HIS A 398 -18.59 18.50 1.24
C HIS A 398 -18.29 17.21 0.48
N GLN A 399 -18.86 16.11 0.93
CA GLN A 399 -18.62 14.82 0.30
C GLN A 399 -19.71 14.50 -0.71
N GLY A 400 -19.36 13.68 -1.68
CA GLY A 400 -20.24 13.37 -2.77
C GLY A 400 -19.52 12.54 -3.81
N PRO A 401 -20.27 11.77 -4.60
CA PRO A 401 -19.62 10.90 -5.58
C PRO A 401 -18.94 11.67 -6.69
N ASN A 402 -17.84 11.13 -7.15
CA ASN A 402 -17.27 11.60 -8.40
C ASN A 402 -18.15 11.08 -9.52
N PRO A 403 -18.79 11.92 -10.32
CA PRO A 403 -19.66 11.40 -11.38
C PRO A 403 -18.92 10.68 -12.50
N TYR A 404 -17.60 10.70 -12.48
CA TYR A 404 -16.75 10.16 -13.53
C TYR A 404 -16.25 8.76 -13.25
N ASN A 405 -15.97 8.43 -11.98
CA ASN A 405 -15.53 7.10 -11.59
C ASN A 405 -16.26 6.56 -10.37
N GLY A 406 -17.34 7.21 -9.93
CA GLY A 406 -18.13 6.70 -8.82
C GLY A 406 -17.45 6.74 -7.49
N ALA A 407 -16.18 7.10 -7.45
CA ALA A 407 -15.48 7.21 -6.18
C ALA A 407 -16.16 8.28 -5.32
N GLN A 408 -16.04 8.15 -4.01
CA GLN A 408 -16.45 9.24 -3.16
C GLN A 408 -15.31 10.26 -3.12
N ASP A 409 -15.67 11.54 -3.19
CA ASP A 409 -14.73 12.60 -3.43
C ASP A 409 -15.06 13.75 -2.49
N TRP A 410 -14.39 14.87 -2.69
CA TRP A 410 -14.68 16.11 -1.97
C TRP A 410 -15.01 17.19 -2.98
N ILE A 411 -16.10 17.90 -2.74
CA ILE A 411 -16.68 18.82 -3.70
C ILE A 411 -16.84 20.20 -3.06
N TYR A 412 -16.25 21.20 -3.71
CA TYR A 412 -16.36 22.58 -3.30
C TYR A 412 -17.80 22.97 -2.97
N SER A 413 -17.97 23.62 -1.82
CA SER A 413 -19.29 24.07 -1.39
C SER A 413 -19.58 25.51 -1.78
N GLY A 414 -18.63 26.19 -2.42
CA GLY A 414 -18.89 27.50 -2.97
C GLY A 414 -18.61 28.61 -1.98
N SER A 415 -18.84 29.82 -2.47
CA SER A 415 -18.89 31.04 -1.66
C SER A 415 -17.53 31.46 -1.13
N TYR A 416 -16.44 30.74 -1.47
CA TYR A 416 -15.16 31.10 -0.89
C TYR A 416 -14.64 32.43 -1.42
N TRP A 417 -14.82 32.70 -2.70
CA TRP A 417 -14.33 33.94 -3.29
C TRP A 417 -15.28 35.11 -3.09
N ASP A 418 -16.42 34.88 -2.41
CA ASP A 418 -17.26 35.99 -1.98
C ASP A 418 -16.60 36.82 -0.90
N ARG A 419 -15.67 36.23 -0.13
CA ARG A 419 -15.23 36.75 1.17
C ARG A 419 -16.49 36.72 2.04
N ASN A 420 -16.79 37.76 2.82
CA ASN A 420 -17.93 37.73 3.73
C ASN A 420 -17.83 36.53 4.67
N TYR A 421 -16.60 36.26 5.12
CA TYR A 421 -16.31 35.13 6.00
C TYR A 421 -17.04 35.26 7.33
N PHE A 422 -17.55 34.14 7.82
CA PHE A 422 -18.37 34.15 9.02
C PHE A 422 -18.20 32.85 9.78
N ASN A 423 -18.07 32.95 11.10
CA ASN A 423 -17.98 31.79 12.00
C ASN A 423 -16.84 30.86 11.57
N LEU A 424 -15.69 31.44 11.34
CA LEU A 424 -14.69 30.46 10.98
C LEU A 424 -14.04 29.90 12.25
N PRO A 425 -13.45 28.70 12.19
CA PRO A 425 -12.90 28.12 13.42
C PRO A 425 -11.62 28.81 13.81
N ASP A 426 -11.37 28.85 15.11
CA ASP A 426 -10.16 29.43 15.67
C ASP A 426 -9.18 28.30 15.93
N ILE A 427 -8.15 28.21 15.08
CA ILE A 427 -7.23 27.09 15.10
C ILE A 427 -5.79 27.50 15.38
N TYR A 428 -5.54 28.78 15.68
CA TYR A 428 -4.19 29.28 15.96
C TYR A 428 -4.19 30.03 17.30
N LYS B 9 62.31 24.83 28.30
CA LYS B 9 61.36 23.93 27.64
C LYS B 9 60.00 24.62 27.52
N LYS B 10 59.60 24.86 26.28
CA LYS B 10 58.38 25.60 25.97
C LYS B 10 57.28 24.66 25.50
N HIS B 11 56.09 24.84 26.06
CA HIS B 11 54.93 23.99 25.82
C HIS B 11 53.92 24.67 24.89
N ARG B 12 52.93 23.90 24.48
CA ARG B 12 51.96 24.38 23.51
C ARG B 12 50.79 25.07 24.20
N THR B 13 50.37 26.19 23.63
CA THR B 13 49.26 26.96 24.18
C THR B 13 47.90 26.62 23.57
N SER B 14 47.87 25.84 22.49
CA SER B 14 46.61 25.43 21.88
C SER B 14 46.70 23.99 21.40
N LEU B 15 45.53 23.37 21.25
CA LEU B 15 45.43 22.07 20.61
C LEU B 15 45.64 22.21 19.10
N PRO B 16 46.08 21.13 18.44
CA PRO B 16 46.19 21.15 16.97
C PRO B 16 44.86 21.48 16.33
N SER B 17 43.89 20.62 16.51
CA SER B 17 42.60 20.90 15.92
C SER B 17 41.66 21.48 16.97
N PRO B 18 41.02 22.62 16.69
CA PRO B 18 40.01 23.12 17.62
C PRO B 18 38.91 22.09 17.82
N MET B 19 38.17 22.23 18.92
CA MET B 19 37.12 21.26 19.19
C MET B 19 36.00 21.37 18.15
N PHE B 20 35.35 20.24 17.90
CA PHE B 20 34.23 20.13 16.99
C PHE B 20 33.36 18.93 17.39
N ILE B 27 27.41 11.23 11.34
CA ILE B 27 27.21 11.61 12.73
C ILE B 27 26.47 10.47 13.43
N TRP B 28 25.32 10.10 12.89
CA TRP B 28 24.64 8.89 13.37
C TRP B 28 25.55 7.67 13.26
N SER B 29 26.51 7.71 12.33
CA SER B 29 27.44 6.60 12.14
C SER B 29 28.06 6.16 13.46
N ILE B 30 28.65 7.10 14.20
CA ILE B 30 29.25 6.79 15.50
C ILE B 30 28.23 6.13 16.42
N LEU B 31 27.01 6.66 16.44
CA LEU B 31 25.99 6.08 17.31
C LEU B 31 25.60 4.69 16.82
N ARG B 32 25.43 4.51 15.51
CA ARG B 32 25.07 3.20 14.97
C ARG B 32 26.14 2.16 15.30
N LYS B 33 27.40 2.48 15.01
CA LYS B 33 28.45 1.48 15.10
C LYS B 33 28.83 1.16 16.55
N CYS B 34 28.44 1.99 17.53
CA CYS B 34 28.93 1.84 18.89
C CYS B 34 27.83 1.79 19.94
N ILE B 35 26.62 1.38 19.56
CA ILE B 35 25.53 1.26 20.52
C ILE B 35 24.97 -0.15 20.52
N THR B 43 16.52 -9.77 15.25
CA THR B 43 15.71 -10.90 15.67
C THR B 43 14.28 -10.44 16.00
N MET B 44 13.36 -11.39 16.13
CA MET B 44 12.03 -11.11 16.66
C MET B 44 11.71 -12.03 17.83
N PRO B 45 11.09 -11.53 18.90
CA PRO B 45 10.80 -12.40 20.05
C PRO B 45 9.84 -13.52 19.67
N VAL B 46 10.21 -14.75 20.04
CA VAL B 46 9.35 -15.88 19.69
C VAL B 46 8.03 -15.79 20.42
N ILE B 47 7.97 -14.98 21.47
CA ILE B 47 6.72 -14.70 22.17
C ILE B 47 5.71 -14.01 21.26
N PHE B 48 6.09 -13.62 20.05
CA PHE B 48 5.16 -12.98 19.14
C PHE B 48 4.79 -13.86 17.96
N ASN B 49 5.40 -15.04 17.85
CA ASN B 49 5.08 -15.98 16.79
C ASN B 49 3.93 -16.89 17.19
N GLU B 50 3.36 -17.53 16.19
CA GLU B 50 2.64 -18.75 16.41
C GLU B 50 3.48 -19.92 15.90
N PRO B 51 3.25 -21.14 16.42
CA PRO B 51 4.00 -22.31 15.93
C PRO B 51 3.60 -22.76 14.53
N LEU B 52 3.80 -21.89 13.55
CA LEU B 52 3.62 -22.23 12.14
C LEU B 52 4.68 -21.54 11.30
N SER B 53 5.32 -22.31 10.41
CA SER B 53 6.04 -21.71 9.29
C SER B 53 5.08 -20.88 8.44
N PHE B 54 5.60 -19.83 7.79
CA PHE B 54 4.73 -19.13 6.85
C PHE B 54 4.20 -20.07 5.79
N LEU B 55 5.04 -21.01 5.30
CA LEU B 55 4.59 -22.02 4.35
C LEU B 55 3.36 -22.76 4.86
N GLN B 56 3.32 -23.05 6.14
CA GLN B 56 2.16 -23.77 6.66
C GLN B 56 0.95 -22.85 6.69
N ARG B 57 1.14 -21.60 7.10
CA ARG B 57 0.07 -20.60 7.09
C ARG B 57 -0.45 -20.37 5.67
N LEU B 58 0.34 -20.76 4.68
CA LEU B 58 -0.06 -20.63 3.29
C LEU B 58 -0.93 -21.80 2.84
N THR B 59 -0.81 -22.93 3.53
CA THR B 59 -1.59 -24.10 3.18
C THR B 59 -3.02 -24.00 3.70
N GLU B 60 -3.27 -23.09 4.64
CA GLU B 60 -4.63 -22.79 5.00
C GLU B 60 -5.46 -22.26 3.83
N TYR B 61 -4.81 -21.81 2.74
CA TYR B 61 -5.54 -21.58 1.50
C TYR B 61 -6.38 -22.78 1.15
N MET B 62 -5.89 -23.97 1.46
CA MET B 62 -6.57 -25.20 1.04
C MET B 62 -7.72 -25.61 1.95
N GLU B 63 -7.96 -24.90 3.06
CA GLU B 63 -8.91 -25.36 4.08
C GLU B 63 -10.28 -25.70 3.51
N HIS B 64 -10.65 -25.14 2.36
CA HIS B 64 -11.99 -25.34 1.80
C HIS B 64 -11.92 -25.85 0.37
N THR B 65 -10.97 -26.73 0.08
CA THR B 65 -10.75 -27.25 -1.25
C THR B 65 -11.97 -27.95 -1.82
N TYR B 66 -12.95 -28.25 -0.98
CA TYR B 66 -14.19 -28.83 -1.51
C TYR B 66 -14.83 -27.90 -2.53
N LEU B 67 -14.73 -26.58 -2.33
CA LEU B 67 -15.28 -25.63 -3.28
C LEU B 67 -14.61 -25.78 -4.64
N ILE B 68 -13.30 -26.03 -4.67
CA ILE B 68 -12.64 -26.30 -5.94
C ILE B 68 -13.22 -27.53 -6.61
N HIS B 69 -13.37 -28.62 -5.85
CA HIS B 69 -13.88 -29.87 -6.40
C HIS B 69 -15.28 -29.69 -6.92
N LYS B 70 -16.12 -29.00 -6.14
CA LYS B 70 -17.46 -28.61 -6.61
C LYS B 70 -17.38 -27.84 -7.91
N ALA B 71 -16.57 -26.77 -7.93
CA ALA B 71 -16.41 -25.99 -9.15
C ALA B 71 -16.14 -26.91 -10.35
N SER B 72 -15.22 -27.87 -10.18
CA SER B 72 -14.83 -28.71 -11.31
C SER B 72 -15.97 -29.60 -11.80
N SER B 73 -16.99 -29.86 -11.00
CA SER B 73 -18.05 -30.77 -11.41
C SER B 73 -19.21 -30.05 -12.09
N LEU B 74 -19.11 -28.74 -12.31
CA LEU B 74 -20.21 -27.91 -12.78
C LEU B 74 -20.02 -27.54 -14.23
N SER B 75 -21.12 -27.53 -14.98
CA SER B 75 -21.10 -27.27 -16.42
C SER B 75 -21.05 -25.78 -16.74
N ASP B 76 -21.80 -24.93 -16.01
CA ASP B 76 -21.89 -23.52 -16.36
C ASP B 76 -20.71 -22.75 -15.77
N PRO B 77 -19.92 -22.06 -16.60
CA PRO B 77 -18.75 -21.34 -16.05
C PRO B 77 -19.13 -20.23 -15.10
N VAL B 78 -20.34 -19.66 -15.24
CA VAL B 78 -20.80 -18.68 -14.27
C VAL B 78 -20.92 -19.32 -12.89
N GLU B 79 -21.63 -20.47 -12.83
CA GLU B 79 -21.66 -21.26 -11.59
C GLU B 79 -20.26 -21.65 -11.15
N ARG B 80 -19.39 -21.95 -12.10
CA ARG B 80 -18.02 -22.32 -11.76
C ARG B 80 -17.27 -21.14 -11.17
N MET B 81 -17.49 -19.94 -11.71
CA MET B 81 -16.86 -18.73 -11.16
C MET B 81 -17.37 -18.42 -9.75
N GLN B 82 -18.59 -18.83 -9.43
CA GLN B 82 -19.05 -18.61 -8.07
C GLN B 82 -18.21 -19.39 -7.08
N CYS B 83 -17.99 -20.68 -7.35
CA CYS B 83 -17.25 -21.53 -6.43
C CYS B 83 -15.79 -21.11 -6.33
N VAL B 84 -15.19 -20.69 -7.44
CA VAL B 84 -13.83 -20.17 -7.36
C VAL B 84 -13.81 -18.86 -6.59
N ALA B 85 -14.80 -18.00 -6.80
CA ALA B 85 -14.93 -16.78 -6.00
C ALA B 85 -15.17 -17.13 -4.53
N ALA B 86 -16.09 -18.06 -4.28
CA ALA B 86 -16.29 -18.60 -2.94
C ALA B 86 -14.99 -19.18 -2.38
N PHE B 87 -14.20 -19.86 -3.20
CA PHE B 87 -12.97 -20.44 -2.70
C PHE B 87 -11.92 -19.37 -2.42
N ALA B 88 -11.80 -18.38 -3.30
CA ALA B 88 -10.82 -17.34 -3.10
C ALA B 88 -11.04 -16.61 -1.79
N VAL B 89 -12.30 -16.27 -1.46
CA VAL B 89 -12.62 -15.69 -0.16
C VAL B 89 -12.21 -16.64 0.95
N SER B 90 -12.51 -17.94 0.79
CA SER B 90 -12.27 -18.90 1.87
C SER B 90 -10.78 -19.07 2.17
N ALA B 91 -9.92 -18.93 1.17
CA ALA B 91 -8.49 -19.18 1.37
C ALA B 91 -7.83 -18.14 2.24
N VAL B 92 -8.48 -17.01 2.50
CA VAL B 92 -7.94 -16.02 3.41
C VAL B 92 -8.88 -15.79 4.60
N ALA B 93 -9.72 -16.79 4.90
CA ALA B 93 -10.74 -16.66 5.93
C ALA B 93 -10.31 -17.14 7.30
N SER B 94 -9.31 -18.00 7.37
CA SER B 94 -8.91 -18.44 8.69
C SER B 94 -8.09 -17.42 9.41
N GLN B 95 -7.94 -16.18 8.98
CA GLN B 95 -6.95 -15.29 9.59
C GLN B 95 -7.51 -14.42 10.69
N TRP B 96 -8.83 -14.37 10.88
CA TRP B 96 -9.38 -13.62 11.99
C TRP B 96 -8.75 -14.08 13.29
N GLU B 97 -8.31 -13.14 14.12
CA GLU B 97 -7.72 -13.39 15.43
C GLU B 97 -6.46 -14.26 15.39
N ARG B 98 -5.83 -14.40 14.23
CA ARG B 98 -4.54 -15.09 14.14
C ARG B 98 -3.41 -14.06 14.14
N THR B 99 -3.35 -13.34 15.26
CA THR B 99 -2.39 -12.28 15.49
C THR B 99 -0.98 -12.80 15.78
N GLY B 100 -0.74 -14.10 15.77
CA GLY B 100 0.61 -14.61 15.87
C GLY B 100 1.28 -14.60 14.51
N LYS B 101 2.46 -13.99 14.44
CA LYS B 101 3.20 -14.00 13.19
C LYS B 101 3.72 -15.42 12.94
N PRO B 102 3.61 -15.93 11.72
CA PRO B 102 4.24 -17.23 11.47
C PRO B 102 5.74 -17.05 11.26
N PHE B 103 6.48 -18.08 11.64
CA PHE B 103 7.93 -18.06 11.47
C PHE B 103 8.32 -17.83 10.01
N ASN B 104 9.21 -16.89 9.79
CA ASN B 104 9.73 -16.63 8.45
C ASN B 104 10.44 -17.89 7.96
N PRO B 105 10.05 -18.48 6.83
CA PRO B 105 10.66 -19.76 6.44
C PRO B 105 12.11 -19.58 6.01
N LEU B 106 12.95 -20.50 6.49
CA LEU B 106 14.33 -20.54 6.06
C LEU B 106 14.40 -20.77 4.56
N LEU B 107 15.51 -20.35 3.95
CA LEU B 107 15.77 -20.68 2.56
C LEU B 107 15.94 -22.18 2.41
N GLY B 108 15.14 -22.79 1.54
CA GLY B 108 15.15 -24.23 1.36
C GLY B 108 14.12 -24.97 2.16
N GLU B 109 13.44 -24.30 3.10
CA GLU B 109 12.35 -24.94 3.83
C GLU B 109 11.25 -25.40 2.88
N THR B 110 10.88 -26.66 2.99
CA THR B 110 9.74 -27.17 2.26
C THR B 110 8.58 -27.40 3.21
N TYR B 111 7.42 -27.62 2.64
CA TYR B 111 6.31 -28.10 3.43
C TYR B 111 5.35 -28.86 2.54
N GLU B 112 4.95 -30.04 2.98
CA GLU B 112 3.99 -30.86 2.26
C GLU B 112 2.78 -31.15 3.13
N LEU B 113 1.64 -31.36 2.48
CA LEU B 113 0.41 -31.71 3.15
C LEU B 113 -0.40 -32.54 2.18
N VAL B 114 -0.75 -33.76 2.57
CA VAL B 114 -1.71 -34.58 1.84
C VAL B 114 -2.93 -34.78 2.73
N ARG B 115 -4.11 -34.44 2.21
CA ARG B 115 -5.37 -34.64 2.90
C ARG B 115 -6.26 -35.51 2.02
N ASP B 116 -6.59 -36.71 2.51
CA ASP B 116 -7.31 -37.65 1.67
C ASP B 116 -8.79 -37.29 1.53
N ASP B 117 -9.37 -36.57 2.49
CA ASP B 117 -10.78 -36.20 2.43
C ASP B 117 -11.02 -34.99 1.54
N LEU B 118 -10.25 -33.93 1.73
CA LEU B 118 -10.39 -32.74 0.91
C LEU B 118 -9.72 -32.91 -0.45
N GLY B 119 -8.99 -34.01 -0.63
CA GLY B 119 -8.55 -34.44 -1.95
C GLY B 119 -7.44 -33.65 -2.59
N PHE B 120 -6.34 -33.38 -1.88
CA PHE B 120 -5.25 -32.62 -2.48
C PHE B 120 -3.90 -33.02 -1.90
N ARG B 121 -2.86 -32.71 -2.66
CA ARG B 121 -1.51 -32.65 -2.12
C ARG B 121 -0.95 -31.27 -2.39
N LEU B 122 -0.15 -30.77 -1.46
CA LEU B 122 0.41 -29.43 -1.60
C LEU B 122 1.85 -29.45 -1.11
N ILE B 123 2.78 -29.25 -2.03
CA ILE B 123 4.16 -28.99 -1.69
C ILE B 123 4.38 -27.48 -1.81
N SER B 124 5.10 -26.92 -0.83
CA SER B 124 5.59 -25.57 -0.88
C SER B 124 7.06 -25.58 -0.47
N GLU B 125 7.80 -24.61 -1.02
CA GLU B 125 9.23 -24.43 -0.77
C GLU B 125 9.52 -22.94 -0.65
N GLN B 126 10.30 -22.59 0.38
CA GLN B 126 10.74 -21.22 0.49
C GLN B 126 11.83 -20.97 -0.53
N VAL B 127 11.52 -20.13 -1.51
CA VAL B 127 12.33 -19.99 -2.70
C VAL B 127 13.46 -19.03 -2.46
N SER B 128 13.11 -17.85 -1.96
CA SER B 128 14.13 -16.87 -1.64
C SER B 128 13.89 -16.40 -0.21
N HIS B 129 14.89 -15.73 0.35
CA HIS B 129 14.80 -15.14 1.68
C HIS B 129 14.92 -13.63 1.67
N HIS B 130 15.55 -13.05 0.66
CA HIS B 130 15.60 -11.61 0.44
C HIS B 130 15.24 -11.35 -1.01
N PRO B 131 13.96 -11.06 -1.30
CA PRO B 131 12.89 -10.97 -0.30
C PRO B 131 12.37 -12.36 0.07
N PRO B 132 11.58 -12.48 1.13
CA PRO B 132 11.01 -13.80 1.44
C PRO B 132 9.92 -14.19 0.45
N ILE B 133 10.19 -15.17 -0.42
CA ILE B 133 9.21 -15.68 -1.37
C ILE B 133 8.94 -17.14 -1.05
N SER B 134 7.67 -17.49 -0.93
CA SER B 134 7.25 -18.87 -0.71
C SER B 134 6.46 -19.35 -1.92
N ALA B 135 6.89 -20.45 -2.51
CA ALA B 135 6.25 -21.07 -3.67
C ALA B 135 5.41 -22.26 -3.23
N PHE B 136 4.26 -22.42 -3.87
CA PHE B 136 3.42 -23.57 -3.53
C PHE B 136 2.78 -24.15 -4.79
N HIS B 137 2.60 -25.46 -4.75
CA HIS B 137 1.96 -26.20 -5.81
C HIS B 137 0.94 -27.13 -5.15
N ALA B 138 -0.30 -27.08 -5.61
CA ALA B 138 -1.36 -27.96 -5.10
C ALA B 138 -1.96 -28.71 -6.26
N GLU B 139 -2.34 -29.96 -6.01
CA GLU B 139 -2.96 -30.83 -7.01
C GLU B 139 -4.12 -31.54 -6.34
N GLY B 140 -5.27 -31.60 -6.99
CA GLY B 140 -6.31 -32.51 -6.55
C GLY B 140 -5.88 -33.94 -6.73
N LEU B 141 -6.24 -34.80 -5.77
CA LEU B 141 -5.80 -36.18 -5.84
C LEU B 141 -6.41 -36.92 -7.03
N ASN B 142 -7.58 -36.49 -7.48
CA ASN B 142 -8.22 -37.07 -8.66
C ASN B 142 -7.85 -36.32 -9.94
N ASN B 143 -6.86 -35.43 -9.88
CA ASN B 143 -6.36 -34.73 -11.06
C ASN B 143 -7.42 -33.82 -11.68
N ASP B 144 -8.23 -33.20 -10.82
CA ASP B 144 -9.24 -32.28 -11.30
C ASP B 144 -8.76 -30.84 -11.29
N PHE B 145 -7.70 -30.53 -10.55
CA PHE B 145 -7.22 -29.16 -10.48
C PHE B 145 -5.72 -29.13 -10.20
N ILE B 146 -5.12 -27.99 -10.52
CA ILE B 146 -3.80 -27.59 -10.01
C ILE B 146 -3.99 -26.21 -9.45
N PHE B 147 -3.34 -25.95 -8.31
CA PHE B 147 -3.43 -24.66 -7.63
C PHE B 147 -2.01 -24.27 -7.26
N HIS B 148 -1.57 -23.12 -7.73
CA HIS B 148 -0.16 -22.82 -7.55
C HIS B 148 0.05 -21.33 -7.65
N GLY B 149 1.23 -20.92 -7.24
CA GLY B 149 1.59 -19.51 -7.20
C GLY B 149 2.69 -19.35 -6.18
N SER B 150 3.10 -18.11 -6.00
CA SER B 150 4.04 -17.80 -4.94
C SER B 150 3.52 -16.62 -4.12
N ILE B 151 4.07 -16.45 -2.92
CA ILE B 151 3.67 -15.36 -2.06
C ILE B 151 4.91 -14.74 -1.43
N TYR B 152 5.05 -13.44 -1.61
CA TYR B 152 5.96 -12.57 -0.89
C TYR B 152 5.09 -11.75 0.06
N PRO B 153 5.19 -11.90 1.35
CA PRO B 153 4.38 -11.05 2.23
C PRO B 153 5.10 -9.75 2.58
N LYS B 154 4.84 -8.69 1.81
CA LYS B 154 5.56 -7.42 1.92
C LYS B 154 5.03 -6.63 3.12
N LEU B 155 5.86 -6.49 4.15
CA LEU B 155 5.42 -5.87 5.40
C LEU B 155 5.69 -4.38 5.39
N LYS B 156 4.69 -3.60 5.74
CA LYS B 156 4.86 -2.15 5.80
C LYS B 156 4.22 -1.64 7.07
N PHE B 157 4.98 -0.88 7.86
CA PHE B 157 4.45 -0.24 9.06
C PHE B 157 3.61 0.95 8.61
N TRP B 158 2.29 0.85 8.77
CA TRP B 158 1.34 1.89 8.32
C TRP B 158 0.71 2.53 9.56
N GLY B 159 1.41 3.51 10.13
CA GLY B 159 0.83 4.26 11.22
C GLY B 159 1.00 3.58 12.55
N LYS B 160 -0.11 3.06 13.10
CA LYS B 160 -0.09 2.28 14.34
C LYS B 160 -0.30 0.79 14.08
N SER B 161 -0.07 0.34 12.85
CA SER B 161 -0.43 -0.98 12.38
C SER B 161 0.62 -1.45 11.39
N VAL B 162 0.76 -2.74 11.25
CA VAL B 162 1.59 -3.30 10.20
C VAL B 162 0.69 -3.85 9.10
N GLU B 163 1.01 -3.54 7.85
CA GLU B 163 0.42 -4.19 6.70
C GLU B 163 1.31 -5.32 6.21
N ALA B 164 0.72 -6.49 5.98
CA ALA B 164 1.32 -7.54 5.17
C ALA B 164 0.54 -7.62 3.86
N GLU B 165 1.25 -7.63 2.75
CA GLU B 165 0.62 -7.68 1.43
C GLU B 165 1.15 -8.89 0.66
N PRO B 166 0.35 -9.97 0.48
CA PRO B 166 0.86 -11.15 -0.23
C PRO B 166 1.09 -10.86 -1.70
N LYS B 167 2.25 -10.31 -2.03
CA LYS B 167 2.58 -10.06 -3.43
C LYS B 167 2.68 -11.38 -4.18
N GLY B 168 1.99 -11.46 -5.32
CA GLY B 168 2.13 -12.58 -6.23
C GLY B 168 0.80 -13.07 -6.76
N THR B 169 0.81 -13.59 -7.99
CA THR B 169 -0.37 -14.13 -8.63
C THR B 169 -0.64 -15.53 -8.11
N ILE B 170 -1.92 -15.89 -8.03
CA ILE B 170 -2.41 -17.20 -7.61
C ILE B 170 -3.13 -17.83 -8.80
N THR B 171 -2.70 -19.01 -9.24
CA THR B 171 -3.23 -19.61 -10.47
C THR B 171 -3.91 -20.92 -10.14
N LEU B 172 -5.20 -21.01 -10.48
CA LEU B 172 -6.02 -22.20 -10.28
C LEU B 172 -6.46 -22.71 -11.63
N GLU B 173 -6.04 -23.91 -11.99
CA GLU B 173 -6.40 -24.54 -13.26
C GLU B 173 -7.45 -25.62 -13.01
N LEU B 174 -8.61 -25.49 -13.65
CA LEU B 174 -9.66 -26.51 -13.60
C LEU B 174 -9.49 -27.44 -14.79
N LEU B 175 -8.82 -28.57 -14.55
CA LEU B 175 -8.30 -29.39 -15.64
C LEU B 175 -9.40 -30.01 -16.50
N GLU B 176 -10.53 -30.40 -15.89
CA GLU B 176 -11.63 -30.93 -16.67
C GLU B 176 -12.27 -29.89 -17.59
N HIS B 177 -11.95 -28.61 -17.41
CA HIS B 177 -12.63 -27.56 -18.14
C HIS B 177 -11.71 -26.72 -19.01
N ASN B 178 -10.43 -27.10 -19.11
CA ASN B 178 -9.48 -26.42 -19.98
C ASN B 178 -9.39 -24.94 -19.66
N GLU B 179 -9.35 -24.63 -18.37
CA GLU B 179 -9.35 -23.23 -17.99
C GLU B 179 -8.50 -23.04 -16.75
N ALA B 180 -8.13 -21.78 -16.52
CA ALA B 180 -7.22 -21.38 -15.46
C ALA B 180 -7.68 -20.02 -14.99
N TYR B 181 -7.69 -19.85 -13.68
CA TYR B 181 -8.06 -18.58 -13.07
C TYR B 181 -6.83 -18.03 -12.37
N THR B 182 -6.57 -16.75 -12.56
CA THR B 182 -5.51 -16.10 -11.83
C THR B 182 -6.13 -14.99 -11.00
N TRP B 183 -5.50 -14.70 -9.87
CA TRP B 183 -5.93 -13.61 -9.00
C TRP B 183 -4.82 -13.38 -7.99
N THR B 184 -4.99 -12.35 -7.18
CA THR B 184 -4.03 -12.02 -6.12
C THR B 184 -4.79 -11.79 -4.82
N ASN B 185 -4.09 -11.85 -3.71
CA ASN B 185 -4.82 -11.82 -2.44
C ASN B 185 -4.92 -10.42 -1.87
N PRO B 186 -5.93 -10.15 -1.04
CA PRO B 186 -5.99 -8.81 -0.41
C PRO B 186 -4.91 -8.62 0.63
N THR B 187 -4.84 -7.39 1.14
CA THR B 187 -3.83 -7.05 2.13
C THR B 187 -4.32 -7.43 3.51
N CYS B 188 -3.40 -7.95 4.33
CA CYS B 188 -3.70 -8.41 5.68
C CYS B 188 -3.07 -7.43 6.67
N CYS B 189 -3.91 -6.67 7.37
CA CYS B 189 -3.48 -5.59 8.27
C CYS B 189 -3.63 -5.96 9.75
N VAL B 190 -2.60 -5.70 10.54
CA VAL B 190 -2.60 -6.02 11.98
C VAL B 190 -2.60 -4.72 12.78
N HIS B 191 -3.76 -4.39 13.34
CA HIS B 191 -3.94 -3.13 14.04
C HIS B 191 -3.46 -3.21 15.49
N ASN B 192 -3.37 -2.04 16.12
CA ASN B 192 -2.98 -1.90 17.52
C ASN B 192 -1.67 -2.59 17.83
N ILE B 193 -0.79 -2.70 16.83
CA ILE B 193 0.45 -3.43 17.04
C ILE B 193 1.31 -2.76 18.13
N ILE B 194 1.23 -1.43 18.25
CA ILE B 194 2.01 -0.72 19.25
C ILE B 194 1.30 -0.72 20.58
N VAL B 195 -0.02 -0.54 20.57
CA VAL B 195 -0.82 -0.38 21.79
C VAL B 195 -2.21 -0.91 21.52
N GLY B 196 -2.75 -1.66 22.47
CA GLY B 196 -4.11 -2.19 22.38
C GLY B 196 -4.10 -3.65 21.97
N LYS B 197 -5.31 -4.21 21.95
CA LYS B 197 -5.47 -5.61 21.58
C LYS B 197 -5.26 -5.80 20.07
N LEU B 198 -4.18 -6.48 19.72
CA LEU B 198 -3.88 -6.84 18.33
C LEU B 198 -5.08 -7.52 17.68
N TRP B 199 -5.37 -7.13 16.43
CA TRP B 199 -6.47 -7.75 15.68
C TRP B 199 -6.24 -7.54 14.19
N ILE B 200 -6.85 -8.44 13.38
CA ILE B 200 -6.57 -8.60 11.96
C ILE B 200 -7.70 -7.98 11.13
N GLU B 201 -7.32 -7.17 10.14
CA GLU B 201 -8.23 -6.74 9.10
C GLU B 201 -7.67 -7.19 7.75
N GLN B 202 -8.57 -7.45 6.80
CA GLN B 202 -8.18 -7.80 5.44
C GLN B 202 -8.98 -6.93 4.48
N TYR B 203 -8.27 -6.13 3.70
CA TYR B 203 -8.89 -5.25 2.70
C TYR B 203 -8.12 -5.32 1.39
N GLY B 204 -8.80 -4.88 0.34
CA GLY B 204 -8.23 -4.87 -0.99
C GLY B 204 -9.27 -5.30 -1.99
N ASN B 205 -9.00 -5.02 -3.24
CA ASN B 205 -9.83 -5.49 -4.34
C ASN B 205 -9.12 -6.67 -4.98
N VAL B 206 -9.91 -7.62 -5.47
CA VAL B 206 -9.39 -8.86 -6.04
C VAL B 206 -10.15 -9.13 -7.33
N GLU B 207 -9.43 -9.14 -8.46
CA GLU B 207 -9.98 -9.55 -9.74
C GLU B 207 -9.65 -11.02 -9.98
N ILE B 208 -10.66 -11.81 -10.34
CA ILE B 208 -10.47 -13.18 -10.75
C ILE B 208 -10.75 -13.22 -12.24
N ILE B 209 -9.74 -13.55 -13.03
CA ILE B 209 -9.91 -13.66 -14.48
C ILE B 209 -10.00 -15.14 -14.81
N ASN B 210 -11.10 -15.55 -15.43
CA ASN B 210 -11.17 -16.84 -16.08
C ASN B 210 -10.64 -16.65 -17.50
N HIS B 211 -9.47 -17.21 -17.77
CA HIS B 211 -8.77 -16.91 -19.01
C HIS B 211 -9.32 -17.63 -20.23
N LYS B 212 -10.19 -18.62 -20.07
CA LYS B 212 -10.81 -19.26 -21.24
C LYS B 212 -12.09 -18.52 -21.65
N THR B 213 -12.95 -18.24 -20.68
CA THR B 213 -14.27 -17.68 -20.94
C THR B 213 -14.22 -16.18 -21.15
N GLY B 214 -13.18 -15.52 -20.66
CA GLY B 214 -13.21 -14.08 -20.55
C GLY B 214 -13.99 -13.56 -19.37
N ASP B 215 -14.37 -14.43 -18.44
CA ASP B 215 -15.16 -14.03 -17.29
C ASP B 215 -14.28 -13.41 -16.22
N LYS B 216 -14.84 -12.40 -15.54
CA LYS B 216 -14.15 -11.65 -14.51
C LYS B 216 -15.03 -11.64 -13.27
N CYS B 217 -14.41 -11.82 -12.10
CA CYS B 217 -15.11 -11.66 -10.84
C CYS B 217 -14.37 -10.65 -9.97
N VAL B 218 -15.10 -9.65 -9.47
CA VAL B 218 -14.53 -8.60 -8.64
C VAL B 218 -14.88 -8.88 -7.18
N LEU B 219 -13.88 -8.94 -6.32
CA LEU B 219 -14.14 -9.04 -4.88
C LEU B 219 -13.47 -7.86 -4.21
N ASN B 220 -14.27 -6.94 -3.70
CA ASN B 220 -13.74 -5.93 -2.81
C ASN B 220 -13.81 -6.48 -1.40
N PHE B 221 -12.67 -6.49 -0.74
CA PHE B 221 -12.63 -6.67 0.70
C PHE B 221 -12.67 -5.28 1.27
N LYS B 222 -13.86 -4.87 1.69
CA LYS B 222 -14.07 -3.52 2.19
C LYS B 222 -13.32 -3.31 3.51
N PRO B 223 -12.66 -2.17 3.69
CA PRO B 223 -12.07 -1.83 4.98
C PRO B 223 -13.10 -1.32 5.98
N CYS B 224 -12.76 -1.47 7.26
CA CYS B 224 -13.61 -1.01 8.36
C CYS B 224 -14.07 0.42 8.12
N LYS B 229 -17.57 -0.97 11.31
CA LYS B 229 -18.81 -0.85 10.58
C LYS B 229 -18.98 -2.05 9.69
N GLU B 230 -18.54 -1.90 8.44
CA GLU B 230 -18.46 -2.98 7.47
C GLU B 230 -17.21 -3.81 7.66
N LEU B 231 -16.90 -4.13 8.91
CA LEU B 231 -15.76 -4.99 9.23
C LEU B 231 -15.92 -6.32 8.52
N HIS B 232 -14.84 -6.74 7.85
CA HIS B 232 -14.76 -8.00 7.13
C HIS B 232 -15.71 -8.06 5.95
N LYS B 233 -16.27 -6.94 5.55
CA LYS B 233 -17.28 -6.94 4.49
C LYS B 233 -16.61 -7.21 3.14
N VAL B 234 -17.02 -8.29 2.48
CA VAL B 234 -16.66 -8.59 1.10
C VAL B 234 -17.88 -8.31 0.24
N GLU B 235 -17.69 -7.51 -0.81
CA GLU B 235 -18.73 -7.26 -1.80
C GLU B 235 -18.11 -7.37 -3.20
N GLY B 236 -18.91 -7.83 -4.15
CA GLY B 236 -18.37 -7.97 -5.48
C GLY B 236 -19.40 -8.53 -6.43
N TYR B 237 -18.94 -8.81 -7.65
CA TYR B 237 -19.84 -9.20 -8.72
C TYR B 237 -19.09 -10.09 -9.70
N ILE B 238 -19.86 -10.71 -10.59
CA ILE B 238 -19.36 -11.54 -11.68
C ILE B 238 -19.92 -10.97 -12.99
N GLN B 239 -19.07 -10.82 -14.00
CA GLN B 239 -19.54 -10.32 -15.27
C GLN B 239 -18.91 -11.10 -16.42
N ASP B 240 -19.59 -11.14 -17.56
CA ASP B 240 -19.01 -11.81 -18.72
C ASP B 240 -17.94 -10.92 -19.36
N LYS B 241 -17.27 -11.47 -20.38
CA LYS B 241 -16.30 -10.67 -21.12
C LYS B 241 -16.96 -9.43 -21.73
N SER B 242 -18.20 -9.56 -22.18
CA SER B 242 -19.00 -8.44 -22.67
C SER B 242 -19.15 -7.31 -21.65
N LYS B 243 -18.90 -7.59 -20.36
CA LYS B 243 -19.03 -6.66 -19.21
C LYS B 243 -20.45 -6.56 -18.68
N LYS B 244 -21.27 -7.59 -18.90
CA LYS B 244 -22.60 -7.69 -18.32
C LYS B 244 -22.50 -8.38 -16.97
N LYS B 245 -22.90 -7.69 -15.89
CA LYS B 245 -22.98 -8.32 -14.58
C LYS B 245 -23.98 -9.47 -14.60
N LEU B 246 -23.61 -10.59 -13.95
CA LEU B 246 -24.43 -11.79 -13.93
C LEU B 246 -24.87 -12.23 -12.55
N CYS B 247 -24.28 -11.68 -11.50
CA CYS B 247 -24.71 -11.84 -10.12
C CYS B 247 -23.83 -10.96 -9.25
N ALA B 248 -24.34 -10.59 -8.09
CA ALA B 248 -23.53 -9.93 -7.06
C ALA B 248 -23.03 -10.97 -6.06
N LEU B 249 -21.98 -10.62 -5.32
CA LEU B 249 -21.37 -11.53 -4.35
C LEU B 249 -21.06 -10.79 -3.06
N TYR B 250 -21.67 -11.22 -1.96
CA TYR B 250 -21.55 -10.45 -0.73
C TYR B 250 -21.47 -11.40 0.46
N GLY B 251 -21.00 -10.87 1.58
CA GLY B 251 -20.79 -11.61 2.81
C GLY B 251 -19.60 -11.08 3.57
N LYS B 252 -19.06 -11.89 4.47
CA LYS B 252 -17.89 -11.51 5.25
C LYS B 252 -16.89 -12.64 5.25
N TRP B 253 -15.61 -12.33 4.99
CA TRP B 253 -14.58 -13.37 4.96
C TRP B 253 -14.40 -14.07 6.32
N THR B 254 -14.96 -13.53 7.39
CA THR B 254 -14.96 -14.29 8.62
C THR B 254 -16.10 -15.31 8.67
N GLU B 255 -17.13 -15.17 7.83
CA GLU B 255 -18.27 -16.08 7.90
C GLU B 255 -18.65 -16.80 6.61
N CYS B 256 -19.05 -16.07 5.57
CA CYS B 256 -19.78 -16.67 4.47
C CYS B 256 -19.82 -15.74 3.28
N LEU B 257 -20.01 -16.32 2.10
CA LEU B 257 -20.25 -15.55 0.89
C LEU B 257 -21.57 -15.98 0.26
N TYR B 258 -22.24 -15.05 -0.42
CA TYR B 258 -23.51 -15.30 -1.08
C TYR B 258 -23.49 -14.72 -2.49
N SER B 259 -24.19 -15.40 -3.39
CA SER B 259 -24.52 -14.82 -4.68
C SER B 259 -25.99 -14.45 -4.69
N VAL B 260 -26.32 -13.38 -5.42
CA VAL B 260 -27.71 -12.93 -5.56
C VAL B 260 -27.81 -12.16 -6.88
N ASP B 261 -29.01 -12.13 -7.42
CA ASP B 261 -29.23 -11.41 -8.67
C ASP B 261 -28.79 -9.95 -8.49
N PRO B 262 -27.97 -9.41 -9.41
CA PRO B 262 -27.48 -8.04 -9.23
C PRO B 262 -28.59 -7.01 -9.09
N ALA B 263 -29.64 -7.15 -9.91
CA ALA B 263 -30.71 -6.17 -9.88
C ALA B 263 -31.32 -6.03 -8.48
N THR B 264 -31.50 -7.15 -7.78
CA THR B 264 -32.04 -7.07 -6.42
C THR B 264 -30.96 -6.77 -5.37
N PHE B 265 -29.68 -7.06 -5.64
CA PHE B 265 -28.64 -6.62 -4.72
C PHE B 265 -28.54 -5.11 -4.71
N ASP B 266 -28.59 -4.48 -5.90
CA ASP B 266 -28.52 -3.03 -5.99
C ASP B 266 -29.58 -2.39 -5.12
N ALA B 267 -30.82 -2.85 -5.26
CA ALA B 267 -31.93 -2.17 -4.59
C ALA B 267 -31.88 -2.33 -3.08
N TYR B 268 -31.09 -3.28 -2.56
CA TYR B 268 -31.29 -3.72 -1.19
C TYR B 268 -30.17 -3.36 -0.22
N LYS B 269 -29.07 -2.78 -0.69
CA LYS B 269 -28.02 -2.33 0.22
C LYS B 269 -28.55 -1.34 1.25
N SER B 301 -23.73 -10.98 12.74
CA SER B 301 -23.82 -11.78 11.52
C SER B 301 -24.00 -10.92 10.26
N VAL B 302 -24.73 -11.47 9.27
CA VAL B 302 -24.73 -10.98 7.90
C VAL B 302 -26.17 -10.74 7.42
N PHE B 303 -26.34 -9.71 6.58
CA PHE B 303 -27.65 -9.34 6.02
C PHE B 303 -27.99 -10.22 4.81
N ILE B 304 -28.93 -11.15 4.97
CA ILE B 304 -29.31 -12.06 3.89
C ILE B 304 -30.36 -11.39 3.00
N ILE B 305 -29.92 -10.89 1.85
CA ILE B 305 -30.78 -10.33 0.79
C ILE B 305 -31.69 -11.42 0.25
N PRO B 306 -32.95 -11.12 -0.11
CA PRO B 306 -33.85 -12.17 -0.54
C PRO B 306 -33.33 -12.93 -1.75
N GLY B 307 -33.68 -14.22 -1.80
CA GLY B 307 -33.31 -15.05 -2.92
C GLY B 307 -31.83 -15.11 -3.19
N SER B 308 -31.00 -15.12 -2.15
CA SER B 308 -29.56 -15.31 -2.27
C SER B 308 -29.20 -16.79 -2.15
N VAL B 309 -27.96 -17.12 -2.54
CA VAL B 309 -27.48 -18.49 -2.59
C VAL B 309 -26.17 -18.60 -1.81
N LEU B 310 -26.18 -19.42 -0.77
CA LEU B 310 -25.00 -19.69 0.06
C LEU B 310 -23.90 -20.33 -0.79
N LEU B 311 -22.81 -19.61 -1.04
CA LEU B 311 -21.70 -20.18 -1.80
C LEU B 311 -20.67 -20.86 -0.91
N TRP B 312 -20.53 -20.41 0.35
CA TRP B 312 -19.49 -20.95 1.21
C TRP B 312 -19.76 -20.55 2.66
N ARG B 313 -19.39 -21.44 3.59
CA ARG B 313 -19.39 -21.12 5.01
C ARG B 313 -18.12 -21.65 5.64
N ILE B 314 -17.51 -20.82 6.49
CA ILE B 314 -16.20 -21.09 7.05
C ILE B 314 -16.17 -22.44 7.77
N ALA B 315 -15.08 -23.17 7.55
CA ALA B 315 -14.87 -24.45 8.21
C ALA B 315 -14.74 -24.22 9.71
N PRO B 316 -14.69 -25.33 10.45
CA PRO B 316 -14.69 -25.36 11.93
C PRO B 316 -13.36 -25.33 12.72
N ARG B 317 -13.26 -24.27 13.51
CA ARG B 317 -12.29 -24.13 14.57
C ARG B 317 -12.93 -24.72 15.82
N PRO B 318 -12.13 -25.44 16.58
CA PRO B 318 -12.58 -26.23 17.73
C PRO B 318 -12.82 -25.36 18.95
N PRO B 319 -13.67 -25.78 19.88
CA PRO B 319 -13.89 -24.96 21.10
C PRO B 319 -12.61 -24.74 21.88
N ASN B 320 -11.65 -25.64 21.70
CA ASN B 320 -10.31 -25.51 22.24
C ASN B 320 -9.59 -24.28 21.73
N SER B 321 -10.05 -23.71 20.61
CA SER B 321 -9.33 -22.75 19.77
C SER B 321 -8.52 -21.69 20.53
N ALA B 322 -9.18 -20.74 21.18
CA ALA B 322 -8.51 -19.57 21.78
C ALA B 322 -7.43 -19.95 22.80
N GLN B 323 -7.31 -21.24 23.14
CA GLN B 323 -6.16 -21.74 23.90
C GLN B 323 -5.05 -22.24 23.00
N MET B 324 -5.32 -22.43 21.72
CA MET B 324 -4.37 -22.96 20.76
C MET B 324 -4.14 -21.95 19.64
N TYR B 325 -3.82 -20.71 20.01
CA TYR B 325 -3.44 -19.67 19.05
C TYR B 325 -4.54 -19.33 18.06
N ASN B 326 -5.79 -19.72 18.34
CA ASN B 326 -6.94 -19.50 17.45
C ASN B 326 -6.82 -20.29 16.14
N PHE B 327 -6.09 -21.41 16.18
CA PHE B 327 -5.94 -22.29 15.02
C PHE B 327 -7.29 -22.87 14.64
N THR B 328 -7.44 -23.14 13.35
CA THR B 328 -8.64 -23.85 12.89
C THR B 328 -8.43 -25.33 13.09
N SER B 329 -9.50 -26.09 12.88
CA SER B 329 -9.35 -27.55 12.83
C SER B 329 -8.38 -27.98 11.73
N PHE B 330 -8.37 -27.25 10.62
CA PHE B 330 -7.37 -27.47 9.59
C PHE B 330 -5.96 -27.13 10.10
N ALA B 331 -5.83 -25.99 10.76
CA ALA B 331 -4.51 -25.52 11.17
C ALA B 331 -3.90 -26.45 12.21
N MET B 332 -4.74 -27.12 13.00
CA MET B 332 -4.23 -27.94 14.10
C MET B 332 -3.45 -29.16 13.60
N VAL B 333 -3.66 -29.53 12.35
CA VAL B 333 -2.99 -30.68 11.76
C VAL B 333 -1.69 -30.30 11.05
N LEU B 334 -1.49 -29.02 10.74
CA LEU B 334 -0.41 -28.63 9.83
C LEU B 334 0.95 -29.13 10.32
N ASN B 335 1.29 -28.88 11.58
CA ASN B 335 2.66 -29.12 12.03
C ASN B 335 2.85 -30.48 12.71
N GLU B 336 1.88 -31.36 12.63
CA GLU B 336 1.93 -32.68 13.24
C GLU B 336 2.96 -33.58 12.57
N VAL B 337 3.50 -34.55 13.33
CA VAL B 337 4.41 -35.56 12.80
C VAL B 337 4.06 -36.92 13.40
N ASP B 338 4.77 -37.96 12.92
CA ASP B 338 4.73 -39.31 13.47
C ASP B 338 5.80 -40.15 12.76
N LYS B 339 6.10 -41.32 13.34
CA LYS B 339 7.22 -42.16 12.89
C LYS B 339 7.11 -42.53 11.41
N ASP B 340 5.89 -42.83 10.94
CA ASP B 340 5.70 -43.05 9.51
C ASP B 340 6.19 -41.85 8.71
N MET B 341 5.56 -40.70 8.93
CA MET B 341 5.84 -39.49 8.17
C MET B 341 7.30 -39.09 8.22
N GLU B 342 8.04 -39.46 9.28
CA GLU B 342 9.45 -39.10 9.39
C GLU B 342 10.30 -39.75 8.30
N SER B 343 10.02 -41.01 7.98
CA SER B 343 10.78 -41.72 6.96
C SER B 343 10.62 -41.12 5.57
N VAL B 344 9.44 -40.58 5.27
CA VAL B 344 9.04 -40.21 3.91
C VAL B 344 9.35 -38.76 3.61
N ILE B 345 8.85 -37.82 4.42
CA ILE B 345 9.05 -36.38 4.18
C ILE B 345 10.54 -36.05 4.09
N PRO B 346 10.92 -35.00 3.38
CA PRO B 346 12.34 -34.67 3.26
C PRO B 346 12.86 -34.00 4.53
N LYS B 347 14.19 -33.86 4.58
CA LYS B 347 14.84 -33.15 5.67
C LYS B 347 14.54 -31.66 5.69
N THR B 348 13.90 -31.10 4.67
CA THR B 348 13.57 -29.69 4.69
C THR B 348 12.15 -29.39 5.17
N ASP B 349 11.35 -30.42 5.44
CA ASP B 349 9.98 -30.16 5.90
C ASP B 349 10.00 -29.45 7.24
N CYS B 350 9.16 -28.42 7.38
CA CYS B 350 9.16 -27.62 8.61
C CYS B 350 8.49 -28.35 9.76
N ARG B 351 8.01 -29.57 9.53
CA ARG B 351 7.69 -30.48 10.62
C ARG B 351 8.92 -30.94 11.36
N LEU B 352 10.11 -30.71 10.81
CA LEU B 352 11.36 -31.08 11.44
C LEU B 352 12.16 -29.85 11.83
N ARG B 353 11.46 -28.76 12.10
CA ARG B 353 12.11 -27.50 12.41
C ARG B 353 12.09 -27.29 13.91
N PRO B 354 13.25 -27.25 14.58
CA PRO B 354 13.25 -27.35 16.04
C PRO B 354 12.54 -26.21 16.78
N ASP B 355 12.62 -24.98 16.31
CA ASP B 355 12.02 -23.89 17.09
C ASP B 355 10.50 -23.90 17.00
N ILE B 356 9.94 -24.06 15.81
CA ILE B 356 8.49 -24.27 15.72
C ILE B 356 8.10 -25.51 16.52
N ARG B 357 8.92 -26.56 16.43
CA ARG B 357 8.68 -27.75 17.25
C ARG B 357 8.63 -27.38 18.72
N ALA B 358 9.71 -26.78 19.23
CA ALA B 358 9.83 -26.52 20.66
C ALA B 358 8.78 -25.52 21.14
N MET B 359 8.37 -24.57 20.31
CA MET B 359 7.35 -23.63 20.71
C MET B 359 5.99 -24.30 20.82
N GLU B 360 5.64 -25.13 19.84
CA GLU B 360 4.44 -25.95 19.92
C GLU B 360 4.45 -26.84 21.16
N ASN B 361 5.64 -27.16 21.68
CA ASN B 361 5.80 -27.91 22.92
C ASN B 361 5.75 -27.02 24.17
N GLY B 362 5.63 -25.71 24.01
CA GLY B 362 5.65 -24.81 25.13
C GLY B 362 7.03 -24.33 25.54
N GLU B 363 8.08 -25.09 25.19
CA GLU B 363 9.46 -24.72 25.50
C GLU B 363 9.85 -23.47 24.71
N ILE B 364 9.39 -22.32 25.22
CA ILE B 364 9.57 -21.03 24.54
C ILE B 364 11.01 -20.55 24.68
N ASP B 365 11.63 -20.74 25.86
CA ASP B 365 13.03 -20.39 26.01
C ASP B 365 13.90 -21.15 25.00
N GLN B 366 13.74 -22.48 24.96
CA GLN B 366 14.44 -23.27 23.97
C GLN B 366 14.04 -22.89 22.55
N ALA B 367 12.84 -22.34 22.36
CA ALA B 367 12.41 -21.94 21.02
C ALA B 367 13.15 -20.70 20.55
N SER B 368 13.34 -19.72 21.43
CA SER B 368 13.99 -18.49 20.99
C SER B 368 15.49 -18.70 20.84
N GLU B 369 16.06 -19.62 21.62
CA GLU B 369 17.46 -19.97 21.40
C GLU B 369 17.62 -20.71 20.09
N GLU B 370 16.74 -21.70 19.83
CA GLU B 370 16.82 -22.45 18.59
C GLU B 370 16.52 -21.59 17.37
N LYS B 371 15.65 -20.60 17.51
CA LYS B 371 15.32 -19.73 16.38
C LYS B 371 16.52 -18.91 15.94
N LYS B 372 17.18 -18.23 16.90
CA LYS B 372 18.33 -17.39 16.57
C LYS B 372 19.46 -18.21 15.97
N ARG B 373 19.50 -19.50 16.28
CA ARG B 373 20.55 -20.38 15.76
C ARG B 373 20.39 -20.59 14.26
N LEU B 374 19.20 -21.05 13.84
CA LEU B 374 18.90 -21.24 12.43
C LEU B 374 19.11 -19.95 11.62
N GLU B 375 18.59 -18.82 12.13
CA GLU B 375 18.78 -17.56 11.43
C GLU B 375 20.26 -17.24 11.27
N GLU B 376 21.06 -17.56 12.29
CA GLU B 376 22.49 -17.30 12.22
C GLU B 376 23.18 -18.26 11.25
N LYS B 377 22.89 -19.57 11.38
CA LYS B 377 23.39 -20.53 10.40
C LYS B 377 22.95 -20.16 9.00
N GLN B 378 21.87 -19.40 8.87
CA GLN B 378 21.38 -19.02 7.55
C GLN B 378 22.12 -17.82 6.98
N ARG B 379 22.59 -16.94 7.84
CA ARG B 379 23.40 -15.84 7.42
C ARG B 379 24.72 -16.44 7.03
N ALA B 380 25.27 -17.19 7.94
CA ALA B 380 26.55 -17.84 7.68
C ALA B 380 26.52 -18.61 6.36
N ALA B 381 25.44 -19.35 6.12
CA ALA B 381 25.30 -20.06 4.84
C ALA B 381 25.27 -19.09 3.67
N ARG B 382 24.67 -17.91 3.87
CA ARG B 382 24.64 -16.90 2.82
C ARG B 382 26.04 -16.36 2.53
N LYS B 383 26.82 -16.11 3.58
CA LYS B 383 28.13 -15.49 3.40
C LYS B 383 29.14 -16.47 2.79
N ASN B 384 28.95 -17.77 2.97
CA ASN B 384 29.83 -18.72 2.31
C ASN B 384 29.53 -18.79 0.82
N ARG B 385 28.24 -18.75 0.45
CA ARG B 385 27.91 -18.63 -0.95
C ARG B 385 28.25 -17.25 -1.48
N SER B 386 28.32 -16.25 -0.59
CA SER B 386 28.71 -14.92 -1.02
C SER B 386 30.16 -14.90 -1.48
N LYS B 387 30.99 -15.73 -0.86
CA LYS B 387 32.39 -15.84 -1.22
C LYS B 387 32.65 -17.00 -2.18
N SER B 388 32.25 -18.24 -1.82
CA SER B 388 32.54 -19.43 -2.61
C SER B 388 31.86 -19.41 -3.98
N GLU B 389 31.21 -18.30 -4.35
CA GLU B 389 30.67 -18.08 -5.69
C GLU B 389 29.54 -19.06 -6.03
N GLU B 390 29.28 -20.05 -5.17
CA GLU B 390 28.08 -20.85 -5.31
C GLU B 390 26.86 -19.97 -5.11
N ASP B 391 25.78 -20.28 -5.84
CA ASP B 391 24.52 -19.57 -5.64
C ASP B 391 23.41 -20.59 -5.46
N TRP B 392 22.37 -20.17 -4.75
CA TRP B 392 21.38 -21.11 -4.24
C TRP B 392 20.54 -21.68 -5.36
N LYS B 393 20.20 -22.97 -5.22
CA LYS B 393 19.40 -23.71 -6.19
C LYS B 393 18.10 -24.17 -5.54
N THR B 394 16.99 -23.86 -6.18
CA THR B 394 15.68 -24.22 -5.67
C THR B 394 15.36 -25.66 -6.07
N ARG B 395 15.09 -26.51 -5.08
CA ARG B 395 14.96 -27.94 -5.36
C ARG B 395 13.72 -28.25 -6.18
N TRP B 396 12.60 -27.54 -5.92
CA TRP B 396 11.31 -27.96 -6.42
C TRP B 396 10.56 -26.91 -7.22
N PHE B 397 11.06 -25.69 -7.31
CA PHE B 397 10.41 -24.72 -8.18
C PHE B 397 11.49 -24.06 -9.02
N HIS B 398 11.20 -23.89 -10.29
CA HIS B 398 12.07 -23.07 -11.13
C HIS B 398 11.23 -21.91 -11.65
N GLN B 399 11.92 -20.90 -12.17
CA GLN B 399 11.28 -19.64 -12.52
C GLN B 399 10.94 -19.65 -14.00
N GLY B 400 9.81 -19.04 -14.34
CA GLY B 400 9.30 -19.13 -15.68
C GLY B 400 8.09 -18.26 -15.93
N PRO B 401 7.70 -18.13 -17.20
CA PRO B 401 6.56 -17.27 -17.54
C PRO B 401 5.27 -17.89 -17.03
N ASN B 402 4.49 -17.08 -16.32
CA ASN B 402 3.09 -17.37 -16.16
C ASN B 402 2.42 -17.17 -17.51
N PRO B 403 1.88 -18.22 -18.13
CA PRO B 403 1.37 -18.04 -19.51
C PRO B 403 0.10 -17.22 -19.60
N TYR B 404 -0.61 -17.01 -18.50
CA TYR B 404 -1.88 -16.31 -18.60
C TYR B 404 -1.76 -14.81 -18.38
N ASN B 405 -0.54 -14.34 -18.09
CA ASN B 405 -0.29 -12.93 -17.86
C ASN B 405 1.09 -12.51 -18.33
N GLY B 406 1.94 -13.48 -18.60
CA GLY B 406 3.30 -13.21 -19.06
C GLY B 406 4.18 -12.68 -17.95
N ALA B 407 3.67 -12.73 -16.72
CA ALA B 407 4.42 -12.25 -15.56
C ALA B 407 5.23 -13.38 -14.92
N GLN B 408 6.49 -13.09 -14.60
CA GLN B 408 7.36 -14.07 -14.00
C GLN B 408 6.62 -14.74 -12.85
N ASP B 409 6.90 -16.02 -12.67
CA ASP B 409 6.20 -16.83 -11.69
C ASP B 409 7.12 -18.01 -11.37
N TRP B 410 6.97 -18.55 -10.18
CA TRP B 410 7.66 -19.79 -9.86
C TRP B 410 6.84 -20.98 -10.35
N ILE B 411 7.54 -22.01 -10.80
CA ILE B 411 6.91 -23.12 -11.53
C ILE B 411 7.42 -24.43 -10.93
N TYR B 412 6.51 -25.34 -10.60
CA TYR B 412 6.90 -26.59 -9.98
C TYR B 412 7.81 -27.39 -10.89
N SER B 413 8.92 -27.86 -10.33
CA SER B 413 9.94 -28.55 -11.10
C SER B 413 9.65 -30.03 -11.27
N GLY B 414 8.63 -30.55 -10.59
CA GLY B 414 8.29 -31.95 -10.67
C GLY B 414 9.06 -32.77 -9.67
N SER B 415 8.78 -34.07 -9.72
CA SER B 415 9.53 -35.16 -9.09
C SER B 415 9.44 -35.19 -7.56
N TYR B 416 8.69 -34.29 -6.92
CA TYR B 416 8.72 -34.26 -5.46
C TYR B 416 8.11 -35.53 -4.88
N TRP B 417 6.89 -35.83 -5.27
CA TRP B 417 6.22 -36.98 -4.67
C TRP B 417 6.79 -38.31 -5.10
N ASP B 418 7.90 -38.33 -5.85
CA ASP B 418 8.64 -39.55 -6.11
C ASP B 418 9.50 -39.96 -4.93
N ARG B 419 9.71 -39.07 -3.96
CA ARG B 419 10.73 -39.20 -2.93
C ARG B 419 12.06 -39.53 -3.58
N ASN B 420 12.81 -40.45 -2.99
CA ASN B 420 14.20 -40.65 -3.38
C ASN B 420 14.92 -39.30 -3.35
N TYR B 421 14.87 -38.65 -2.19
CA TYR B 421 15.46 -37.33 -2.03
C TYR B 421 16.97 -37.44 -2.02
N PHE B 422 17.62 -36.47 -2.66
CA PHE B 422 19.04 -36.52 -2.95
C PHE B 422 19.67 -35.15 -2.71
N ASN B 423 20.65 -35.09 -1.80
CA ASN B 423 21.53 -33.93 -1.64
C ASN B 423 20.76 -32.70 -1.17
N LEU B 424 19.72 -32.93 -0.36
CA LEU B 424 18.85 -31.85 0.03
C LEU B 424 19.59 -30.81 0.87
N PRO B 425 19.08 -29.58 0.90
CA PRO B 425 19.66 -28.55 1.78
C PRO B 425 19.60 -28.96 3.24
N ASP B 426 20.73 -28.81 3.92
CA ASP B 426 20.86 -29.09 5.35
C ASP B 426 20.65 -27.77 6.10
N ILE B 427 19.39 -27.46 6.36
CA ILE B 427 19.03 -26.14 6.86
C ILE B 427 18.66 -26.15 8.34
N TYR B 428 18.81 -27.27 9.03
CA TYR B 428 18.56 -27.29 10.47
C TYR B 428 19.82 -27.70 11.23
#